data_2AG5
#
_entry.id   2AG5
#
_cell.length_a   62.092
_cell.length_b   62.055
_cell.length_c   74.042
_cell.angle_alpha   106.05
_cell.angle_beta   105.95
_cell.angle_gamma   100.97
#
_symmetry.space_group_name_H-M   'P 1'
#
loop_
_entity.id
_entity.type
_entity.pdbx_description
1 polymer 'dehydrogenase/reductase (SDR family) member 6'
2 non-polymer 'SULFATE ION'
3 non-polymer NICOTINAMIDE-ADENINE-DINUCLEOTIDE
4 water water
#
_entity_poly.entity_id   1
_entity_poly.type   'polypeptide(L)'
_entity_poly.pdbx_seq_one_letter_code
;MGRLDGKVIILTAAAQGIGQAAALAFAREGAKVIATDINESKLQELEKYPGIQTRVLDVTKKKQIDQFANEVERLDVLFN
VAGFVHHGTVLDCEEKDWDFSMNLNVRSMYLMIKAFLPKMLAQKSGNIINMSSVASSVKGVVNRCVYSTTKAAVIGLTKS
VAADFIQQGIRCNCVCPGTVDTPSLQERIQARGNPEEARNDFLKRQKTGRFATAEEIAMLCVYLASDESAYVTGNPVIID
GGWSLG
;
_entity_poly.pdbx_strand_id   A,B,C,D
#
# COMPACT_ATOMS: atom_id res chain seq x y z
N MET A 1 29.84 -3.38 22.63
CA MET A 1 28.52 -3.05 23.24
C MET A 1 27.43 -3.53 22.27
N GLY A 2 26.56 -4.40 22.77
CA GLY A 2 25.45 -4.88 21.97
C GLY A 2 24.46 -3.82 21.57
N ARG A 3 23.78 -4.05 20.46
CA ARG A 3 22.79 -3.10 19.94
C ARG A 3 21.53 -2.93 20.77
N LEU A 4 21.32 -3.86 21.71
CA LEU A 4 20.16 -3.85 22.62
C LEU A 4 20.53 -3.70 24.14
N ASP A 5 21.65 -3.10 24.38
CA ASP A 5 22.14 -2.99 25.74
C ASP A 5 21.13 -2.21 26.58
N GLY A 6 20.86 -2.69 27.77
CA GLY A 6 19.87 -2.06 28.66
C GLY A 6 18.38 -2.38 28.40
N LYS A 7 18.08 -3.11 27.31
CA LYS A 7 16.69 -3.31 26.92
C LYS A 7 16.15 -4.50 27.66
N VAL A 8 14.97 -4.34 28.23
CA VAL A 8 14.26 -5.52 28.77
C VAL A 8 13.21 -5.91 27.71
N ILE A 9 13.31 -7.14 27.24
CA ILE A 9 12.45 -7.65 26.19
C ILE A 9 11.73 -8.91 26.57
N ILE A 10 10.41 -8.85 26.42
CA ILE A 10 9.53 -9.99 26.59
C ILE A 10 9.01 -10.48 25.24
N LEU A 11 9.12 -11.79 25.02
CA LEU A 11 8.54 -12.41 23.84
C LEU A 11 7.72 -13.66 24.11
N THR A 12 6.86 -13.99 23.16
CA THR A 12 6.05 -15.19 23.25
C THR A 12 6.52 -16.25 22.25
N ALA A 13 6.00 -17.46 22.39
CA ALA A 13 6.29 -18.51 21.45
C ALA A 13 7.81 -18.60 21.22
N ALA A 14 8.61 -18.49 22.28
CA ALA A 14 10.04 -18.40 22.11
C ALA A 14 10.76 -19.77 21.98
N ALA A 15 10.05 -20.88 22.02
CA ALA A 15 10.74 -22.18 22.22
C ALA A 15 11.34 -22.76 20.95
N GLN A 16 10.82 -22.32 19.81
CA GLN A 16 11.32 -22.78 18.52
C GLN A 16 11.03 -21.76 17.47
N GLY A 17 11.50 -22.00 16.28
CA GLY A 17 11.13 -21.15 15.11
C GLY A 17 11.65 -19.70 15.27
N ILE A 18 10.84 -18.74 14.82
CA ILE A 18 11.26 -17.33 14.80
C ILE A 18 11.49 -16.86 16.22
N GLY A 19 10.62 -17.27 17.12
CA GLY A 19 10.66 -16.78 18.50
C GLY A 19 11.94 -17.21 19.19
N GLN A 20 12.35 -18.43 18.93
CA GLN A 20 13.58 -18.94 19.47
C GLN A 20 14.79 -18.14 18.93
N ALA A 21 14.82 -17.98 17.61
CA ALA A 21 15.91 -17.27 16.96
C ALA A 21 16.04 -15.83 17.46
N ALA A 22 14.88 -15.21 17.69
CA ALA A 22 14.81 -13.84 18.21
C ALA A 22 15.33 -13.71 19.60
N ALA A 23 14.92 -14.64 20.46
CA ALA A 23 15.40 -14.66 21.83
C ALA A 23 16.89 -14.72 21.84
N LEU A 24 17.44 -15.68 21.08
CA LEU A 24 18.87 -15.82 21.02
C LEU A 24 19.55 -14.54 20.49
N ALA A 25 18.99 -13.96 19.43
CA ALA A 25 19.57 -12.77 18.82
C ALA A 25 19.51 -11.55 19.77
N PHE A 26 18.41 -11.39 20.47
CA PHE A 26 18.27 -10.28 21.42
C PHE A 26 19.32 -10.42 22.53
N ALA A 27 19.45 -11.63 23.07
CA ALA A 27 20.42 -11.91 24.15
C ALA A 27 21.85 -11.62 23.72
N ARG A 28 22.22 -12.01 22.49
CA ARG A 28 23.61 -11.77 22.03
C ARG A 28 23.92 -10.31 21.77
N GLU A 29 22.88 -9.52 21.66
CA GLU A 29 23.00 -8.08 21.48
C GLU A 29 22.82 -7.35 22.83
N GLY A 30 22.88 -8.10 23.92
CA GLY A 30 22.93 -7.51 25.27
C GLY A 30 21.59 -7.22 25.93
N ALA A 31 20.48 -7.64 25.32
CA ALA A 31 19.19 -7.53 26.00
C ALA A 31 19.05 -8.46 27.21
N LYS A 32 18.20 -8.02 28.14
CA LYS A 32 17.71 -8.91 29.17
C LYS A 32 16.42 -9.50 28.65
N VAL A 33 16.39 -10.82 28.44
CA VAL A 33 15.29 -11.40 27.70
C VAL A 33 14.46 -12.26 28.64
N ILE A 34 13.14 -12.07 28.57
CA ILE A 34 12.19 -12.99 29.20
C ILE A 34 11.41 -13.69 28.10
N ALA A 35 11.78 -14.95 27.88
CA ALA A 35 11.33 -15.76 26.80
C ALA A 35 10.26 -16.72 27.31
N THR A 36 9.13 -16.72 26.64
CA THR A 36 7.99 -17.50 27.08
C THR A 36 7.43 -18.37 25.94
N ASP A 37 6.82 -19.46 26.38
CA ASP A 37 6.22 -20.42 25.53
C ASP A 37 5.33 -21.31 26.41
N ILE A 38 4.48 -22.06 25.73
CA ILE A 38 3.64 -23.07 26.32
C ILE A 38 4.39 -24.39 26.56
N ASN A 39 5.44 -24.63 25.76
CA ASN A 39 6.24 -25.86 25.81
C ASN A 39 7.42 -25.73 26.75
N GLU A 40 7.23 -26.18 27.99
CA GLU A 40 8.16 -25.89 29.07
C GLU A 40 9.49 -26.57 28.87
N SER A 41 9.49 -27.86 28.53
CA SER A 41 10.77 -28.56 28.42
C SER A 41 11.71 -27.99 27.34
N LYS A 42 11.15 -27.65 26.19
CA LYS A 42 11.92 -27.05 25.09
C LYS A 42 12.36 -25.62 25.43
N LEU A 43 11.46 -24.87 26.06
CA LEU A 43 11.74 -23.50 26.43
C LEU A 43 12.91 -23.50 27.38
N GLN A 44 12.98 -24.48 28.25
CA GLN A 44 13.96 -24.38 29.33
C GLN A 44 15.40 -24.50 28.80
N GLU A 45 15.57 -25.05 27.58
CA GLU A 45 16.87 -25.07 26.90
C GLU A 45 17.53 -23.68 26.81
N LEU A 46 16.72 -22.65 26.65
CA LEU A 46 17.23 -21.28 26.50
C LEU A 46 17.90 -20.69 27.76
N GLU A 47 17.58 -21.25 28.93
CA GLU A 47 18.17 -20.82 30.21
C GLU A 47 19.69 -20.92 30.24
N LYS A 48 20.27 -21.79 29.39
CA LYS A 48 21.75 -21.92 29.33
C LYS A 48 22.44 -20.74 28.62
N TYR A 49 21.65 -19.88 27.98
CA TYR A 49 22.18 -18.79 27.25
C TYR A 49 22.21 -17.54 28.13
N PRO A 50 23.38 -16.92 28.23
CA PRO A 50 23.47 -15.68 29.00
C PRO A 50 22.42 -14.65 28.54
N GLY A 51 21.74 -14.08 29.51
CA GLY A 51 20.81 -12.99 29.24
C GLY A 51 19.37 -13.45 29.07
N ILE A 52 19.13 -14.77 29.01
CA ILE A 52 17.76 -15.28 28.82
C ILE A 52 17.23 -15.92 30.07
N GLN A 53 16.06 -15.45 30.51
CA GLN A 53 15.29 -16.13 31.56
C GLN A 53 14.00 -16.59 30.96
N THR A 54 13.47 -17.69 31.45
CA THR A 54 12.26 -18.26 30.80
C THR A 54 11.07 -18.36 31.75
N ARG A 55 9.88 -18.41 31.17
CA ARG A 55 8.66 -18.57 31.96
C ARG A 55 7.63 -19.20 31.07
N VAL A 56 6.94 -20.23 31.55
CA VAL A 56 5.80 -20.79 30.83
C VAL A 56 4.64 -19.79 30.78
N LEU A 57 4.06 -19.68 29.60
CA LEU A 57 2.95 -18.76 29.36
C LEU A 57 2.07 -19.18 28.19
N ASP A 58 0.81 -19.49 28.46
CA ASP A 58 -0.15 -19.71 27.37
C ASP A 58 -0.81 -18.39 27.04
N VAL A 59 -0.59 -17.87 25.84
CA VAL A 59 -1.08 -16.52 25.48
C VAL A 59 -2.58 -16.46 25.20
N THR A 60 -3.27 -17.59 25.29
CA THR A 60 -4.73 -17.57 25.20
C THR A 60 -5.39 -17.46 26.58
N LYS A 61 -4.60 -17.55 27.63
CA LYS A 61 -5.13 -17.50 29.00
C LYS A 61 -4.93 -16.10 29.62
N LYS A 62 -5.96 -15.28 29.56
CA LYS A 62 -5.97 -13.99 30.21
C LYS A 62 -5.43 -14.01 31.67
N LYS A 63 -5.83 -15.01 32.46
CA LYS A 63 -5.42 -15.02 33.86
C LYS A 63 -3.92 -15.22 34.02
N GLN A 64 -3.34 -16.07 33.16
CA GLN A 64 -1.89 -16.29 33.13
C GLN A 64 -1.17 -14.99 32.77
N ILE A 65 -1.68 -14.35 31.72
CA ILE A 65 -1.09 -13.12 31.24
C ILE A 65 -1.06 -12.02 32.33
N ASP A 66 -2.19 -11.82 33.01
CA ASP A 66 -2.26 -10.73 33.96
C ASP A 66 -1.31 -11.02 35.14
N GLN A 67 -1.22 -12.28 35.54
CA GLN A 67 -0.38 -12.63 36.67
C GLN A 67 1.09 -12.44 36.31
N PHE A 68 1.44 -12.75 35.07
CA PHE A 68 2.81 -12.53 34.57
C PHE A 68 3.16 -11.05 34.54
N ALA A 69 2.26 -10.27 33.95
CA ALA A 69 2.44 -8.84 33.99
C ALA A 69 2.63 -8.31 35.42
N ASN A 70 1.92 -8.85 36.41
CA ASN A 70 2.04 -8.37 37.78
C ASN A 70 3.46 -8.67 38.36
N GLU A 71 4.14 -9.66 37.78
CA GLU A 71 5.50 -10.07 38.14
C GLU A 71 6.62 -9.17 37.55
N VAL A 72 6.31 -8.45 36.47
CA VAL A 72 7.29 -7.70 35.71
C VAL A 72 7.31 -6.20 36.14
N GLU A 73 8.47 -5.75 36.56
CA GLU A 73 8.65 -4.41 37.02
C GLU A 73 8.64 -3.41 35.88
N ARG A 74 9.27 -3.78 34.75
CA ARG A 74 9.43 -2.89 33.62
C ARG A 74 9.73 -3.71 32.42
N LEU A 75 9.41 -3.12 31.26
CA LEU A 75 9.90 -3.65 30.00
C LEU A 75 10.05 -2.52 28.97
N ASP A 76 10.96 -2.74 28.02
CA ASP A 76 11.18 -1.80 26.90
C ASP A 76 10.47 -2.25 25.65
N VAL A 77 10.47 -3.55 25.40
CA VAL A 77 9.95 -4.13 24.19
C VAL A 77 9.01 -5.32 24.47
N LEU A 78 7.94 -5.39 23.71
CA LEU A 78 7.09 -6.61 23.72
C LEU A 78 7.02 -7.13 22.31
N PHE A 79 7.47 -8.36 22.12
CA PHE A 79 7.41 -9.03 20.86
C PHE A 79 6.37 -10.17 20.93
N ASN A 80 5.23 -9.92 20.26
CA ASN A 80 4.13 -10.88 20.12
C ASN A 80 4.39 -11.78 18.92
N VAL A 81 4.81 -13.01 19.21
CA VAL A 81 5.20 -13.98 18.16
C VAL A 81 4.15 -15.11 17.90
N ALA A 82 3.39 -15.50 18.92
CA ALA A 82 2.52 -16.68 18.87
C ALA A 82 1.53 -16.58 17.72
N GLY A 83 1.43 -17.68 16.95
CA GLY A 83 0.44 -17.78 15.87
C GLY A 83 0.40 -19.16 15.21
N PHE A 84 -0.77 -19.64 14.76
CA PHE A 84 -0.90 -20.94 14.14
C PHE A 84 -1.29 -20.67 12.68
N VAL A 85 -0.81 -21.51 11.77
CA VAL A 85 -1.11 -21.41 10.37
C VAL A 85 -2.07 -22.53 9.98
N HIS A 86 -3.33 -22.17 9.80
CA HIS A 86 -4.31 -23.12 9.32
C HIS A 86 -4.19 -23.34 7.83
N HIS A 87 -4.26 -24.58 7.37
CA HIS A 87 -4.37 -24.85 5.91
C HIS A 87 -5.85 -25.00 5.44
N GLY A 88 -6.24 -24.15 4.49
CA GLY A 88 -7.57 -24.25 3.86
C GLY A 88 -8.12 -22.91 3.36
N THR A 89 -9.11 -23.04 2.47
CA THR A 89 -9.89 -21.93 2.05
C THR A 89 -10.95 -21.64 3.11
N VAL A 90 -11.71 -20.59 2.88
CA VAL A 90 -12.88 -20.28 3.71
C VAL A 90 -13.76 -21.50 3.79
N LEU A 91 -13.83 -22.31 2.74
CA LEU A 91 -14.72 -23.48 2.72
C LEU A 91 -14.24 -24.65 3.58
N ASP A 92 -12.94 -24.69 3.74
CA ASP A 92 -12.28 -25.72 4.54
C ASP A 92 -12.22 -25.35 6.03
N CYS A 93 -12.73 -24.19 6.40
N CYS A 93 -12.69 -24.15 6.36
CA CYS A 93 -12.56 -23.69 7.74
CA CYS A 93 -12.72 -23.64 7.72
C CYS A 93 -13.84 -23.79 8.57
C CYS A 93 -13.99 -23.97 8.44
N GLU A 94 -13.88 -24.74 9.50
CA GLU A 94 -15.06 -24.97 10.36
C GLU A 94 -15.01 -24.02 11.54
N GLU A 95 -16.10 -23.94 12.29
CA GLU A 95 -16.15 -23.00 13.40
C GLU A 95 -14.92 -23.15 14.32
N LYS A 96 -14.55 -24.39 14.64
CA LYS A 96 -13.42 -24.58 15.57
C LYS A 96 -12.08 -24.10 15.06
N ASP A 97 -11.86 -24.17 13.76
CA ASP A 97 -10.63 -23.71 13.12
C ASP A 97 -10.55 -22.16 13.11
N TRP A 98 -11.68 -21.56 12.78
CA TRP A 98 -11.81 -20.11 12.73
C TRP A 98 -11.52 -19.54 14.14
N ASP A 99 -12.26 -20.03 15.12
CA ASP A 99 -12.14 -19.53 16.48
C ASP A 99 -10.79 -19.76 17.12
N PHE A 100 -10.16 -20.92 16.83
CA PHE A 100 -8.85 -21.30 17.37
C PHE A 100 -7.77 -20.31 16.90
N SER A 101 -7.79 -20.04 15.59
CA SER A 101 -6.86 -19.09 14.97
C SER A 101 -7.09 -17.64 15.40
N MET A 102 -8.35 -17.26 15.54
CA MET A 102 -8.65 -15.89 15.93
C MET A 102 -8.15 -15.61 17.41
N ASN A 103 -8.32 -16.60 18.26
CA ASN A 103 -7.93 -16.47 19.64
CA ASN A 103 -7.93 -16.56 19.66
C ASN A 103 -6.41 -16.52 19.85
N LEU A 104 -5.72 -17.48 19.24
CA LEU A 104 -4.29 -17.53 19.30
C LEU A 104 -3.59 -16.44 18.54
N ASN A 105 -4.12 -16.00 17.37
CA ASN A 105 -3.31 -15.21 16.49
C ASN A 105 -3.53 -13.72 16.77
N VAL A 106 -4.70 -13.41 17.32
CA VAL A 106 -5.13 -12.02 17.45
C VAL A 106 -5.55 -11.64 18.88
N ARG A 107 -6.45 -12.41 19.47
CA ARG A 107 -6.91 -12.14 20.82
C ARG A 107 -5.71 -12.13 21.73
N SER A 108 -4.79 -13.05 21.49
CA SER A 108 -3.56 -13.12 22.24
C SER A 108 -2.84 -11.79 22.26
N MET A 109 -2.72 -11.15 21.11
CA MET A 109 -1.98 -9.89 21.05
C MET A 109 -2.70 -8.78 21.83
N TYR A 110 -4.00 -8.66 21.63
CA TYR A 110 -4.87 -7.76 22.39
C TYR A 110 -4.65 -7.91 23.90
N LEU A 111 -4.70 -9.13 24.41
CA LEU A 111 -4.47 -9.37 25.85
C LEU A 111 -3.03 -9.03 26.36
N MET A 112 -1.99 -9.36 25.59
CA MET A 112 -0.62 -9.06 25.98
C MET A 112 -0.37 -7.54 26.00
N ILE A 113 -0.85 -6.87 24.96
CA ILE A 113 -0.72 -5.43 24.83
C ILE A 113 -1.49 -4.75 25.94
N LYS A 114 -2.72 -5.19 26.18
CA LYS A 114 -3.54 -4.59 27.24
C LYS A 114 -2.89 -4.80 28.64
N ALA A 115 -2.30 -5.98 28.91
CA ALA A 115 -1.56 -6.17 30.16
C ALA A 115 -0.26 -5.35 30.30
N PHE A 116 0.50 -5.17 29.22
CA PHE A 116 1.88 -4.65 29.31
C PHE A 116 2.01 -3.19 28.94
N LEU A 117 1.16 -2.73 28.03
CA LEU A 117 1.19 -1.31 27.63
C LEU A 117 1.17 -0.29 28.80
N PRO A 118 0.29 -0.46 29.84
CA PRO A 118 0.25 0.47 30.96
C PRO A 118 1.62 0.69 31.63
N LYS A 119 2.44 -0.35 31.66
CA LYS A 119 3.87 -0.25 32.12
C LYS A 119 4.69 0.68 31.24
N MET A 120 4.52 0.53 29.92
CA MET A 120 5.26 1.35 29.02
C MET A 120 4.78 2.83 29.08
N LEU A 121 3.48 3.01 29.21
CA LEU A 121 2.94 4.37 29.36
C LEU A 121 3.44 5.03 30.62
N ALA A 122 3.47 4.30 31.71
CA ALA A 122 4.02 4.83 32.94
C ALA A 122 5.51 5.25 32.84
N GLN A 123 6.26 4.63 31.96
CA GLN A 123 7.65 5.04 31.77
C GLN A 123 7.78 6.05 30.62
N LYS A 124 6.66 6.42 29.97
CA LYS A 124 6.62 7.23 28.73
C LYS A 124 7.56 6.69 27.61
N SER A 125 7.66 5.37 27.50
CA SER A 125 8.56 4.79 26.55
C SER A 125 8.18 3.32 26.37
N GLY A 126 8.04 2.87 25.14
CA GLY A 126 7.82 1.44 24.89
C GLY A 126 7.81 1.12 23.42
N ASN A 127 7.92 -0.17 23.09
CA ASN A 127 8.03 -0.60 21.69
C ASN A 127 7.38 -1.97 21.59
N ILE A 128 6.36 -2.09 20.75
CA ILE A 128 5.60 -3.30 20.57
C ILE A 128 5.84 -3.80 19.12
N ILE A 129 6.35 -5.01 19.00
CA ILE A 129 6.55 -5.65 17.68
C ILE A 129 5.59 -6.84 17.55
N ASN A 130 4.74 -6.84 16.51
CA ASN A 130 3.77 -7.89 16.25
C ASN A 130 4.13 -8.72 15.03
N MET A 131 3.98 -10.05 15.13
CA MET A 131 4.29 -10.94 13.97
C MET A 131 3.06 -11.02 13.06
N SER A 132 3.20 -10.52 11.83
CA SER A 132 2.15 -10.61 10.80
C SER A 132 2.67 -11.54 9.71
N SER A 133 2.27 -11.31 8.46
CA SER A 133 2.65 -12.13 7.31
C SER A 133 2.29 -11.35 6.05
N VAL A 134 2.97 -11.66 4.94
CA VAL A 134 2.53 -11.12 3.65
C VAL A 134 1.18 -11.71 3.26
N ALA A 135 0.88 -12.88 3.79
CA ALA A 135 -0.44 -13.48 3.70
C ALA A 135 -1.40 -12.83 4.70
N SER A 136 -2.12 -11.83 4.22
CA SER A 136 -2.64 -10.77 5.07
C SER A 136 -3.41 -9.76 4.22
N SER A 137 -3.59 -8.56 4.69
CA SER A 137 -3.94 -7.42 3.83
C SER A 137 -2.88 -7.05 2.77
N VAL A 138 -1.66 -7.55 2.94
CA VAL A 138 -0.58 -7.23 2.01
C VAL A 138 -0.93 -7.88 0.65
N LYS A 139 -1.12 -9.18 0.63
CA LYS A 139 -1.50 -9.84 -0.62
C LYS A 139 -2.35 -11.05 -0.32
N GLY A 140 -2.98 -11.54 -1.38
CA GLY A 140 -3.82 -12.69 -1.29
C GLY A 140 -2.88 -13.87 -1.52
N VAL A 141 -3.07 -14.88 -0.69
CA VAL A 141 -2.30 -16.11 -0.77
C VAL A 141 -3.30 -17.27 -0.69
N VAL A 142 -3.13 -18.31 -1.51
CA VAL A 142 -4.07 -19.43 -1.57
C VAL A 142 -4.01 -20.37 -0.33
N ASN A 143 -5.16 -20.96 0.02
CA ASN A 143 -5.29 -21.92 1.12
C ASN A 143 -4.86 -21.36 2.50
N ARG A 144 -5.07 -20.06 2.73
CA ARG A 144 -4.66 -19.42 3.97
C ARG A 144 -5.76 -18.44 4.48
N CYS A 145 -7.00 -18.87 4.43
CA CYS A 145 -8.14 -18.00 4.77
C CYS A 145 -8.13 -17.40 6.15
N VAL A 146 -8.30 -18.24 7.16
CA VAL A 146 -8.35 -17.69 8.52
C VAL A 146 -6.93 -17.09 8.92
N TYR A 147 -5.85 -17.68 8.41
CA TYR A 147 -4.54 -17.14 8.68
C TYR A 147 -4.40 -15.75 8.14
N SER A 148 -4.75 -15.55 6.87
CA SER A 148 -4.60 -14.23 6.27
C SER A 148 -5.50 -13.16 6.99
N THR A 149 -6.68 -13.57 7.40
CA THR A 149 -7.65 -12.74 8.08
C THR A 149 -7.04 -12.29 9.40
N THR A 150 -6.47 -13.25 10.13
CA THR A 150 -5.81 -12.88 11.45
C THR A 150 -4.61 -12.04 11.26
N LYS A 151 -3.82 -12.27 10.21
CA LYS A 151 -2.58 -11.56 10.09
C LYS A 151 -2.82 -10.15 9.55
N ALA A 152 -3.89 -10.00 8.77
CA ALA A 152 -4.43 -8.65 8.45
C ALA A 152 -4.83 -7.95 9.75
N ALA A 153 -5.53 -8.65 10.60
CA ALA A 153 -6.04 -8.06 11.86
C ALA A 153 -4.85 -7.55 12.66
N VAL A 154 -3.74 -8.28 12.59
CA VAL A 154 -2.55 -7.84 13.31
C VAL A 154 -2.07 -6.49 12.86
N ILE A 155 -2.05 -6.29 11.55
CA ILE A 155 -1.67 -4.98 10.95
C ILE A 155 -2.62 -3.84 11.41
N GLY A 156 -3.93 -4.09 11.43
CA GLY A 156 -4.90 -3.11 11.94
C GLY A 156 -4.62 -2.75 13.41
N LEU A 157 -4.33 -3.79 14.18
CA LEU A 157 -4.07 -3.61 15.62
C LEU A 157 -2.78 -2.83 15.85
N THR A 158 -1.75 -3.18 15.06
CA THR A 158 -0.48 -2.45 15.08
C THR A 158 -0.60 -0.94 14.82
N LYS A 159 -1.31 -0.57 13.77
CA LYS A 159 -1.45 0.84 13.41
C LYS A 159 -2.31 1.60 14.42
N SER A 160 -3.34 0.94 14.94
CA SER A 160 -4.18 1.49 16.02
C SER A 160 -3.35 1.87 17.25
N VAL A 161 -2.57 0.93 17.74
CA VAL A 161 -1.73 1.16 18.94
C VAL A 161 -0.72 2.26 18.63
N ALA A 162 -0.11 2.22 17.45
CA ALA A 162 0.87 3.20 17.07
C ALA A 162 0.24 4.62 17.05
N ALA A 163 -0.97 4.76 16.48
CA ALA A 163 -1.70 6.04 16.40
C ALA A 163 -2.15 6.52 17.76
N ASP A 164 -2.60 5.58 18.60
CA ASP A 164 -3.16 5.99 19.90
C ASP A 164 -2.09 6.51 20.90
N PHE A 165 -0.88 6.00 20.79
CA PHE A 165 0.10 6.17 21.88
C PHE A 165 1.42 6.79 21.45
N ILE A 166 1.42 7.30 20.23
CA ILE A 166 2.58 8.00 19.70
C ILE A 166 3.04 9.15 20.56
N GLN A 167 2.14 9.88 21.18
CA GLN A 167 2.53 11.05 21.93
C GLN A 167 2.97 10.66 23.29
N GLN A 168 2.81 9.40 23.69
CA GLN A 168 3.26 8.95 25.02
C GLN A 168 4.51 8.09 24.92
N GLY A 169 5.23 8.18 23.79
CA GLY A 169 6.54 7.59 23.59
C GLY A 169 6.53 6.13 23.16
N ILE A 170 5.39 5.62 22.74
CA ILE A 170 5.23 4.28 22.26
C ILE A 170 5.32 4.10 20.73
N ARG A 171 6.15 3.13 20.33
CA ARG A 171 6.22 2.68 18.93
C ARG A 171 5.51 1.31 18.82
N CYS A 172 4.85 1.10 17.69
CA CYS A 172 4.27 -0.18 17.34
C CYS A 172 4.48 -0.48 15.83
N ASN A 173 5.15 -1.61 15.56
CA ASN A 173 5.31 -2.09 14.19
C ASN A 173 5.02 -3.55 14.01
N CYS A 174 4.83 -3.99 12.76
CA CYS A 174 4.71 -5.44 12.60
C CYS A 174 5.62 -5.98 11.52
N VAL A 175 5.89 -7.28 11.60
CA VAL A 175 6.81 -7.93 10.66
C VAL A 175 6.03 -8.86 9.77
N CYS A 176 6.30 -8.80 8.46
CA CYS A 176 5.51 -9.54 7.45
C CYS A 176 6.43 -10.40 6.59
N PRO A 177 6.77 -11.61 7.08
CA PRO A 177 7.57 -12.52 6.26
C PRO A 177 6.85 -13.20 5.16
N GLY A 178 7.62 -13.65 4.17
CA GLY A 178 7.27 -14.68 3.25
C GLY A 178 7.47 -16.05 3.93
N THR A 179 8.03 -17.00 3.25
CA THR A 179 8.23 -18.31 3.81
C THR A 179 9.51 -18.39 4.64
N VAL A 180 9.38 -18.88 5.86
CA VAL A 180 10.53 -19.03 6.79
C VAL A 180 10.64 -20.52 7.17
N ASP A 181 11.87 -21.06 7.09
CA ASP A 181 12.16 -22.47 7.36
C ASP A 181 12.12 -22.68 8.89
N THR A 182 10.95 -23.03 9.38
CA THR A 182 10.74 -23.31 10.79
C THR A 182 10.16 -24.74 11.00
N PRO A 183 10.10 -25.21 12.26
CA PRO A 183 9.58 -26.57 12.42
C PRO A 183 8.14 -26.70 12.00
N SER A 184 7.34 -25.65 12.20
CA SER A 184 5.94 -25.76 11.78
C SER A 184 5.84 -25.75 10.27
N LEU A 185 6.66 -24.99 9.57
CA LEU A 185 6.70 -25.10 8.13
C LEU A 185 6.99 -26.55 7.69
N GLN A 186 7.93 -27.22 8.35
CA GLN A 186 8.27 -28.61 8.00
C GLN A 186 7.09 -29.57 8.24
N GLU A 187 6.39 -29.36 9.36
CA GLU A 187 5.12 -30.01 9.66
C GLU A 187 4.10 -29.80 8.54
N ARG A 188 3.92 -28.57 8.11
CA ARG A 188 2.95 -28.30 7.02
C ARG A 188 3.32 -29.00 5.68
N ILE A 189 4.60 -29.00 5.32
CA ILE A 189 5.09 -29.79 4.23
C ILE A 189 4.77 -31.32 4.42
N GLN A 190 5.14 -31.89 5.57
CA GLN A 190 4.98 -33.31 5.81
C GLN A 190 3.50 -33.75 5.80
N ALA A 191 2.61 -32.83 6.19
CA ALA A 191 1.19 -33.07 6.35
C ALA A 191 0.50 -33.20 5.02
N ARG A 192 1.08 -32.63 3.98
CA ARG A 192 0.53 -32.78 2.61
C ARG A 192 0.55 -34.23 2.11
N GLY A 193 -0.28 -34.53 1.12
CA GLY A 193 -0.30 -35.84 0.52
C GLY A 193 1.02 -36.26 -0.10
N ASN A 194 1.65 -35.35 -0.85
CA ASN A 194 3.02 -35.61 -1.38
C ASN A 194 3.96 -34.51 -0.89
N PRO A 195 4.75 -34.81 0.15
CA PRO A 195 5.61 -33.75 0.77
C PRO A 195 6.74 -33.26 -0.16
N GLU A 196 7.29 -34.13 -0.98
CA GLU A 196 8.23 -33.70 -2.05
C GLU A 196 7.63 -32.54 -2.82
N GLU A 197 6.40 -32.72 -3.25
CA GLU A 197 5.73 -31.70 -4.03
C GLU A 197 5.22 -30.50 -3.29
N ALA A 198 4.79 -30.65 -2.04
CA ALA A 198 4.41 -29.47 -1.28
C ALA A 198 5.60 -28.52 -1.18
N ARG A 199 6.78 -29.11 -0.99
CA ARG A 199 8.04 -28.36 -0.81
C ARG A 199 8.34 -27.48 -2.02
N ASN A 200 8.07 -28.01 -3.20
CA ASN A 200 8.26 -27.24 -4.44
C ASN A 200 7.19 -26.13 -4.67
N ASP A 201 5.96 -26.34 -4.21
CA ASP A 201 4.97 -25.25 -4.28
C ASP A 201 5.39 -24.10 -3.40
N PHE A 202 5.96 -24.41 -2.24
CA PHE A 202 6.41 -23.36 -1.32
C PHE A 202 7.60 -22.60 -1.90
N LEU A 203 8.43 -23.33 -2.66
CA LEU A 203 9.60 -22.74 -3.28
C LEU A 203 9.20 -21.86 -4.47
N LYS A 204 8.11 -22.25 -5.15
CA LYS A 204 7.55 -21.45 -6.24
C LYS A 204 7.30 -20.01 -5.80
N ARG A 205 6.87 -19.81 -4.56
CA ARG A 205 6.70 -18.45 -4.06
C ARG A 205 7.99 -17.65 -4.19
N GLN A 206 9.11 -18.38 -4.13
CA GLN A 206 10.36 -17.75 -3.72
C GLN A 206 11.32 -17.74 -4.92
N LYS A 207 11.35 -16.61 -5.59
CA LYS A 207 12.15 -16.46 -6.80
C LYS A 207 13.64 -16.59 -6.51
N THR A 208 14.07 -16.33 -5.27
CA THR A 208 15.50 -16.53 -4.98
C THR A 208 15.87 -18.01 -4.76
N GLY A 209 14.87 -18.89 -4.76
CA GLY A 209 15.13 -20.33 -4.74
C GLY A 209 15.38 -20.85 -3.33
N ARG A 210 15.04 -20.07 -2.31
CA ARG A 210 15.14 -20.47 -0.90
C ARG A 210 14.11 -19.81 0.00
N PHE A 211 13.89 -20.43 1.15
CA PHE A 211 13.15 -19.87 2.23
C PHE A 211 14.12 -18.99 3.03
N ALA A 212 13.57 -18.04 3.78
CA ALA A 212 14.33 -17.30 4.80
C ALA A 212 14.62 -18.23 5.96
N THR A 213 15.68 -17.91 6.69
CA THR A 213 15.97 -18.58 7.95
C THR A 213 15.30 -17.81 9.08
N ALA A 214 15.02 -18.51 10.15
CA ALA A 214 14.52 -17.84 11.33
C ALA A 214 15.53 -16.78 11.80
N GLU A 215 16.82 -17.04 11.65
CA GLU A 215 17.84 -16.04 12.04
CA GLU A 215 17.85 -16.05 12.00
C GLU A 215 17.63 -14.71 11.31
N GLU A 216 17.43 -14.76 10.00
CA GLU A 216 17.20 -13.57 9.19
C GLU A 216 16.04 -12.81 9.69
N ILE A 217 14.93 -13.49 9.97
CA ILE A 217 13.78 -12.76 10.57
C ILE A 217 14.22 -12.11 11.88
N ALA A 218 14.97 -12.85 12.69
CA ALA A 218 15.45 -12.32 13.96
C ALA A 218 16.20 -11.00 13.84
N MET A 219 17.05 -10.87 12.83
CA MET A 219 17.89 -9.70 12.68
C MET A 219 17.08 -8.50 12.34
N LEU A 220 15.92 -8.70 11.70
CA LEU A 220 15.02 -7.60 11.47
C LEU A 220 14.39 -7.18 12.79
N CYS A 221 14.06 -8.16 13.62
CA CYS A 221 13.53 -7.92 14.94
C CYS A 221 14.53 -7.17 15.83
N VAL A 222 15.81 -7.48 15.69
CA VAL A 222 16.85 -6.73 16.42
C VAL A 222 16.83 -5.25 16.01
N TYR A 223 16.88 -5.00 14.70
CA TYR A 223 16.78 -3.61 14.22
C TYR A 223 15.52 -2.86 14.81
N LEU A 224 14.34 -3.47 14.71
CA LEU A 224 13.10 -2.84 15.16
C LEU A 224 13.01 -2.68 16.69
N ALA A 225 13.65 -3.62 17.40
CA ALA A 225 13.76 -3.53 18.87
C ALA A 225 14.77 -2.45 19.38
N SER A 226 15.73 -2.08 18.57
CA SER A 226 16.81 -1.19 18.95
C SER A 226 16.43 0.27 18.80
N ASP A 227 17.13 1.13 19.56
CA ASP A 227 16.94 2.54 19.41
C ASP A 227 17.36 3.07 18.03
N GLU A 228 18.13 2.28 17.25
CA GLU A 228 18.48 2.70 15.87
C GLU A 228 17.21 3.06 15.05
N SER A 229 16.15 2.33 15.33
CA SER A 229 14.89 2.43 14.61
C SER A 229 13.81 3.24 15.36
N ALA A 230 14.26 4.11 16.27
CA ALA A 230 13.36 4.93 17.07
C ALA A 230 12.36 5.75 16.25
N TYR A 231 12.74 6.19 15.06
CA TYR A 231 11.81 6.95 14.17
C TYR A 231 10.88 6.09 13.27
N VAL A 232 10.88 4.77 13.49
CA VAL A 232 9.99 3.82 12.77
C VAL A 232 8.79 3.38 13.61
N THR A 233 7.58 3.75 13.18
CA THR A 233 6.37 3.38 13.87
C THR A 233 5.20 3.34 12.89
N GLY A 234 4.31 2.41 13.13
CA GLY A 234 3.08 2.26 12.39
C GLY A 234 3.23 1.49 11.11
N ASN A 235 4.31 0.72 10.96
CA ASN A 235 4.57 0.01 9.70
C ASN A 235 4.55 -1.53 9.74
N PRO A 236 3.99 -2.13 8.66
CA PRO A 236 4.19 -3.54 8.36
C PRO A 236 5.46 -3.65 7.54
N VAL A 237 6.53 -4.16 8.14
CA VAL A 237 7.85 -4.32 7.46
C VAL A 237 7.91 -5.68 6.75
N ILE A 238 8.05 -5.65 5.44
CA ILE A 238 8.01 -6.86 4.62
C ILE A 238 9.39 -7.44 4.60
N ILE A 239 9.49 -8.78 4.71
CA ILE A 239 10.73 -9.47 4.55
C ILE A 239 10.44 -10.78 3.79
N ASP A 240 10.22 -10.65 2.47
CA ASP A 240 9.59 -11.76 1.73
C ASP A 240 10.31 -12.30 0.55
N GLY A 241 11.57 -11.90 0.36
CA GLY A 241 12.35 -12.43 -0.74
C GLY A 241 11.72 -12.19 -2.10
N GLY A 242 10.96 -11.11 -2.22
CA GLY A 242 10.39 -10.73 -3.49
C GLY A 242 9.02 -11.34 -3.74
N TRP A 243 8.46 -12.08 -2.79
CA TRP A 243 7.21 -12.74 -3.04
C TRP A 243 6.07 -11.75 -3.41
N SER A 244 5.90 -10.67 -2.61
CA SER A 244 4.83 -9.65 -2.82
C SER A 244 5.19 -8.65 -3.88
N LEU A 245 6.39 -8.77 -4.42
CA LEU A 245 6.90 -7.81 -5.37
C LEU A 245 6.03 -7.70 -6.59
N GLY A 246 5.60 -8.87 -7.09
CA GLY A 246 4.87 -8.98 -8.38
C GLY A 246 3.93 -10.18 -8.54
N GLY B 2 32.51 -5.95 12.30
CA GLY B 2 31.59 -4.97 11.66
C GLY B 2 30.54 -5.63 10.81
N ARG B 3 29.34 -5.05 10.85
CA ARG B 3 28.17 -5.61 10.13
C ARG B 3 28.27 -5.57 8.60
N LEU B 4 29.24 -4.80 8.08
CA LEU B 4 29.46 -4.65 6.65
C LEU B 4 30.91 -5.07 6.19
N ASP B 5 31.58 -5.90 6.98
CA ASP B 5 32.94 -6.38 6.66
C ASP B 5 32.96 -6.95 5.25
N GLY B 6 34.00 -6.66 4.51
CA GLY B 6 34.11 -7.15 3.11
C GLY B 6 33.27 -6.43 2.04
N LYS B 7 32.37 -5.52 2.43
CA LYS B 7 31.47 -4.92 1.46
C LYS B 7 32.15 -3.76 0.79
N VAL B 8 32.07 -3.71 -0.52
CA VAL B 8 32.43 -2.47 -1.24
C VAL B 8 31.14 -1.69 -1.54
N ILE B 9 31.09 -0.47 -1.03
CA ILE B 9 29.93 0.40 -1.15
C ILE B 9 30.24 1.74 -1.83
N ILE B 10 29.47 2.04 -2.87
CA ILE B 10 29.55 3.34 -3.60
C ILE B 10 28.31 4.17 -3.32
N LEU B 11 28.54 5.42 -2.96
CA LEU B 11 27.40 6.30 -2.75
C LEU B 11 27.62 7.67 -3.35
N THR B 12 26.51 8.33 -3.57
CA THR B 12 26.47 9.68 -4.13
C THR B 12 25.97 10.69 -3.09
N ALA B 13 26.16 11.96 -3.42
CA ALA B 13 25.77 13.07 -2.56
C ALA B 13 26.27 12.82 -1.13
N ALA B 14 27.53 12.40 -1.00
CA ALA B 14 28.04 11.99 0.30
C ALA B 14 28.60 13.10 1.20
N ALA B 15 28.68 14.34 0.71
CA ALA B 15 29.40 15.40 1.41
C ALA B 15 28.70 15.95 2.65
N GLN B 16 27.37 15.84 2.71
CA GLN B 16 26.61 16.27 3.88
C GLN B 16 25.29 15.54 3.92
N GLY B 17 24.50 15.87 4.91
CA GLY B 17 23.18 15.29 5.09
C GLY B 17 23.22 13.76 5.25
N ILE B 18 22.23 13.11 4.64
CA ILE B 18 22.04 11.67 4.78
C ILE B 18 23.23 10.92 4.18
N GLY B 19 23.73 11.41 3.07
CA GLY B 19 24.84 10.73 2.39
C GLY B 19 26.11 10.69 3.25
N GLN B 20 26.42 11.79 3.87
CA GLN B 20 27.56 11.90 4.77
C GLN B 20 27.47 10.92 5.96
N ALA B 21 26.29 10.92 6.60
CA ALA B 21 26.03 10.09 7.75
C ALA B 21 26.10 8.62 7.38
N ALA B 22 25.60 8.28 6.18
CA ALA B 22 25.69 6.91 5.68
C ALA B 22 27.11 6.50 5.41
N ALA B 23 27.83 7.38 4.74
CA ALA B 23 29.23 7.09 4.48
C ALA B 23 29.96 6.75 5.77
N LEU B 24 29.80 7.60 6.79
CA LEU B 24 30.44 7.39 8.09
C LEU B 24 30.01 6.09 8.79
N ALA B 25 28.73 5.79 8.73
CA ALA B 25 28.09 4.63 9.34
C ALA B 25 28.58 3.35 8.62
N PHE B 26 28.67 3.39 7.31
CA PHE B 26 29.17 2.24 6.55
C PHE B 26 30.61 1.95 6.88
N ALA B 27 31.44 3.00 6.87
CA ALA B 27 32.85 2.86 7.21
C ALA B 27 33.07 2.28 8.61
N ARG B 28 32.29 2.73 9.61
CA ARG B 28 32.43 2.22 10.99
C ARG B 28 32.07 0.74 11.14
N GLU B 29 31.25 0.24 10.23
CA GLU B 29 30.83 -1.15 10.20
C GLU B 29 31.69 -2.00 9.28
N GLY B 30 32.84 -1.47 8.89
CA GLY B 30 33.89 -2.24 8.21
C GLY B 30 33.83 -2.23 6.69
N ALA B 31 32.91 -1.46 6.11
CA ALA B 31 32.87 -1.34 4.64
C ALA B 31 34.03 -0.53 4.06
N LYS B 32 34.35 -0.92 2.82
CA LYS B 32 35.19 -0.12 1.92
C LYS B 32 34.27 0.84 1.17
N VAL B 33 34.37 2.13 1.54
CA VAL B 33 33.44 3.09 1.05
C VAL B 33 34.07 3.98 -0.03
N ILE B 34 33.37 4.12 -1.15
CA ILE B 34 33.69 5.14 -2.15
C ILE B 34 32.60 6.19 -2.14
N ALA B 35 32.94 7.32 -1.52
CA ALA B 35 32.00 8.39 -1.26
C ALA B 35 32.20 9.48 -2.31
N THR B 36 31.11 9.80 -3.01
CA THR B 36 31.15 10.78 -4.11
C THR B 36 30.16 11.93 -3.85
N ASP B 37 30.47 13.06 -4.47
CA ASP B 37 29.69 14.31 -4.38
C ASP B 37 30.23 15.26 -5.46
N ILE B 38 29.48 16.30 -5.77
CA ILE B 38 30.00 17.39 -6.63
C ILE B 38 30.86 18.41 -5.88
N ASN B 39 30.65 18.50 -4.55
CA ASN B 39 31.33 19.45 -3.69
C ASN B 39 32.63 18.90 -3.16
N GLU B 40 33.73 19.17 -3.89
CA GLU B 40 34.98 18.48 -3.66
C GLU B 40 35.60 18.86 -2.34
N SER B 41 35.61 20.15 -2.01
CA SER B 41 36.26 20.56 -0.76
C SER B 41 35.59 19.95 0.48
N LYS B 42 34.27 19.85 0.48
CA LYS B 42 33.53 19.32 1.63
C LYS B 42 33.69 17.78 1.67
N LEU B 43 33.61 17.19 0.50
CA LEU B 43 33.78 15.76 0.36
C LEU B 43 35.11 15.31 0.91
N GLN B 44 36.17 16.04 0.62
CA GLN B 44 37.49 15.51 0.97
C GLN B 44 37.74 15.42 2.47
N GLU B 45 36.93 16.14 3.27
CA GLU B 45 36.87 15.94 4.74
C GLU B 45 36.72 14.46 5.17
N LEU B 46 35.96 13.68 4.42
CA LEU B 46 35.77 12.27 4.79
C LEU B 46 36.99 11.39 4.60
N GLU B 47 38.00 11.89 3.87
CA GLU B 47 39.23 11.11 3.64
C GLU B 47 39.97 10.77 4.93
N LYS B 48 39.79 11.59 5.97
CA LYS B 48 40.34 11.35 7.31
C LYS B 48 39.75 10.12 8.04
N TYR B 49 38.63 9.61 7.56
CA TYR B 49 37.97 8.52 8.23
C TYR B 49 38.45 7.20 7.64
N PRO B 50 38.91 6.29 8.51
CA PRO B 50 39.32 5.01 7.98
C PRO B 50 38.20 4.34 7.20
N GLY B 51 38.57 3.76 6.06
CA GLY B 51 37.64 3.02 5.21
C GLY B 51 36.99 3.83 4.12
N ILE B 52 37.13 5.16 4.13
CA ILE B 52 36.50 6.01 3.11
C ILE B 52 37.51 6.58 2.13
N GLN B 53 37.22 6.35 0.84
CA GLN B 53 37.92 7.02 -0.24
C GLN B 53 36.91 7.89 -0.99
N THR B 54 37.36 9.03 -1.48
CA THR B 54 36.42 9.97 -2.09
C THR B 54 36.71 10.23 -3.55
N ARG B 55 35.67 10.58 -4.30
CA ARG B 55 35.84 11.01 -5.71
C ARG B 55 34.74 11.99 -6.07
N VAL B 56 35.09 13.05 -6.77
CA VAL B 56 34.14 14.03 -7.23
C VAL B 56 33.34 13.38 -8.35
N LEU B 57 32.04 13.53 -8.26
CA LEU B 57 31.11 12.99 -9.26
C LEU B 57 29.81 13.79 -9.32
N ASP B 58 29.49 14.31 -10.52
CA ASP B 58 28.21 14.95 -10.76
C ASP B 58 27.31 13.90 -11.40
N VAL B 59 26.26 13.50 -10.70
CA VAL B 59 25.42 12.37 -11.13
C VAL B 59 24.51 12.72 -12.30
N THR B 60 24.56 13.95 -12.77
CA THR B 60 23.79 14.30 -13.97
C THR B 60 24.65 14.17 -15.26
N LYS B 61 25.93 13.90 -15.10
CA LYS B 61 26.86 13.81 -16.22
C LYS B 61 27.19 12.35 -16.55
N LYS B 62 26.50 11.83 -17.55
CA LYS B 62 26.68 10.48 -18.01
C LYS B 62 28.14 10.16 -18.34
N LYS B 63 28.86 11.08 -18.97
CA LYS B 63 30.28 10.83 -19.31
C LYS B 63 31.11 10.59 -18.04
N GLN B 64 30.80 11.35 -16.98
CA GLN B 64 31.49 11.26 -15.69
CA GLN B 64 31.51 11.23 -15.72
C GLN B 64 31.22 9.90 -15.07
N ILE B 65 29.94 9.52 -15.04
CA ILE B 65 29.48 8.27 -14.48
C ILE B 65 30.17 7.06 -15.15
N ASP B 66 30.17 7.03 -16.48
CA ASP B 66 30.71 5.89 -17.21
C ASP B 66 32.22 5.75 -16.96
N GLN B 67 32.92 6.86 -16.95
CA GLN B 67 34.34 6.86 -16.67
C GLN B 67 34.64 6.36 -15.25
N PHE B 68 33.85 6.81 -14.29
CA PHE B 68 33.95 6.28 -12.93
C PHE B 68 33.72 4.77 -12.86
N ALA B 69 32.64 4.30 -13.47
CA ALA B 69 32.36 2.89 -13.53
C ALA B 69 33.56 2.10 -14.09
N ASN B 70 34.19 2.59 -15.14
CA ASN B 70 35.31 1.85 -15.74
C ASN B 70 36.53 1.77 -14.79
N GLU B 71 36.61 2.69 -13.82
CA GLU B 71 37.65 2.71 -12.76
C GLU B 71 37.44 1.70 -11.62
N VAL B 72 36.18 1.26 -11.42
CA VAL B 72 35.79 0.39 -10.31
C VAL B 72 35.77 -1.12 -10.72
N GLU B 73 36.57 -1.90 -10.00
CA GLU B 73 36.74 -3.33 -10.23
C GLU B 73 35.48 -4.10 -9.89
N ARG B 74 34.94 -3.79 -8.71
CA ARG B 74 33.81 -4.50 -8.19
C ARG B 74 33.06 -3.58 -7.24
N LEU B 75 31.78 -3.91 -7.02
CA LEU B 75 31.06 -3.37 -5.90
C LEU B 75 30.00 -4.37 -5.38
N ASP B 76 29.68 -4.24 -4.11
CA ASP B 76 28.58 -4.97 -3.49
C ASP B 76 27.30 -4.17 -3.40
N VAL B 77 27.44 -2.90 -3.09
CA VAL B 77 26.30 -2.04 -2.82
C VAL B 77 26.43 -0.70 -3.59
N LEU B 78 25.32 -0.27 -4.19
CA LEU B 78 25.19 1.11 -4.71
C LEU B 78 24.07 1.83 -3.99
N PHE B 79 24.41 2.96 -3.37
CA PHE B 79 23.47 3.79 -2.70
C PHE B 79 23.32 5.14 -3.40
N ASN B 80 22.22 5.27 -4.16
CA ASN B 80 21.87 6.51 -4.89
C ASN B 80 21.14 7.47 -3.92
N VAL B 81 21.88 8.49 -3.51
CA VAL B 81 21.35 9.46 -2.53
C VAL B 81 20.94 10.78 -3.17
N ALA B 82 21.61 11.18 -4.26
CA ALA B 82 21.43 12.53 -4.84
C ALA B 82 19.97 12.90 -5.13
N GLY B 83 19.54 14.06 -4.64
CA GLY B 83 18.21 14.60 -4.94
C GLY B 83 17.97 16.05 -4.42
N PHE B 84 17.16 16.86 -5.13
CA PHE B 84 16.85 18.24 -4.77
C PHE B 84 15.38 18.28 -4.38
N VAL B 85 15.03 19.10 -3.38
CA VAL B 85 13.66 19.32 -2.97
C VAL B 85 13.18 20.69 -3.41
N HIS B 86 12.32 20.72 -4.43
CA HIS B 86 11.77 21.95 -4.93
C HIS B 86 10.58 22.34 -4.07
N HIS B 87 10.45 23.60 -3.75
CA HIS B 87 9.23 24.09 -3.06
C HIS B 87 8.20 24.63 -4.09
N GLY B 88 7.05 23.98 -4.10
CA GLY B 88 5.93 24.52 -4.90
C GLY B 88 4.92 23.45 -5.33
N THR B 89 3.75 23.96 -5.66
CA THR B 89 2.74 23.15 -6.31
C THR B 89 3.08 23.03 -7.82
N VAL B 90 2.21 22.30 -8.51
CA VAL B 90 2.32 22.15 -9.95
C VAL B 90 2.31 23.53 -10.57
N LEU B 91 1.57 24.48 -10.04
CA LEU B 91 1.51 25.82 -10.62
C LEU B 91 2.74 26.71 -10.46
N ASP B 92 3.48 26.37 -9.43
CA ASP B 92 4.73 27.01 -9.02
C ASP B 92 5.95 26.41 -9.78
N CYS B 93 5.73 25.30 -10.48
CA CYS B 93 6.80 24.61 -11.15
CA CYS B 93 6.79 24.60 -11.21
C CYS B 93 6.89 25.04 -12.63
N GLU B 94 7.96 25.76 -12.95
CA GLU B 94 8.20 26.12 -14.34
C GLU B 94 9.01 25.03 -15.01
N GLU B 95 9.13 25.12 -16.34
CA GLU B 95 9.78 24.04 -17.09
C GLU B 95 11.17 23.76 -16.55
N LYS B 96 11.90 24.82 -16.21
CA LYS B 96 13.27 24.62 -15.70
C LYS B 96 13.33 23.95 -14.34
N ASP B 97 12.36 24.20 -13.45
CA ASP B 97 12.23 23.44 -12.20
C ASP B 97 11.88 21.95 -12.36
N TRP B 98 10.94 21.68 -13.27
CA TRP B 98 10.51 20.37 -13.59
C TRP B 98 11.70 19.55 -14.12
N ASP B 99 12.40 20.09 -15.09
CA ASP B 99 13.48 19.35 -15.71
C ASP B 99 14.69 19.13 -14.82
N PHE B 100 14.98 20.13 -13.98
CA PHE B 100 16.13 20.12 -13.10
C PHE B 100 15.96 18.99 -12.09
N SER B 101 14.76 18.90 -11.50
CA SER B 101 14.46 17.84 -10.54
C SER B 101 14.36 16.42 -11.15
N MET B 102 13.77 16.33 -12.33
CA MET B 102 13.64 15.05 -13.01
C MET B 102 15.05 14.47 -13.35
N ASN B 103 15.94 15.34 -13.83
CA ASN B 103 17.35 15.01 -14.14
C ASN B 103 18.21 14.61 -12.93
N LEU B 104 18.22 15.44 -11.91
CA LEU B 104 18.96 15.13 -10.68
C LEU B 104 18.37 14.00 -9.87
N ASN B 105 17.03 13.88 -9.80
CA ASN B 105 16.43 13.00 -8.85
C ASN B 105 16.17 11.61 -9.39
N VAL B 106 15.94 11.51 -10.70
CA VAL B 106 15.54 10.25 -11.31
C VAL B 106 16.50 9.79 -12.39
N ARG B 107 16.81 10.67 -13.34
CA ARG B 107 17.69 10.30 -14.42
C ARG B 107 19.04 9.88 -13.89
N SER B 108 19.50 10.57 -12.85
CA SER B 108 20.72 10.20 -12.14
C SER B 108 20.76 8.71 -11.77
N MET B 109 19.67 8.26 -11.17
CA MET B 109 19.62 6.87 -10.71
C MET B 109 19.65 5.88 -11.86
N TYR B 110 18.88 6.18 -12.91
CA TYR B 110 18.90 5.41 -14.14
C TYR B 110 20.35 5.27 -14.67
N LEU B 111 21.06 6.39 -14.79
CA LEU B 111 22.44 6.36 -15.31
C LEU B 111 23.43 5.60 -14.39
N MET B 112 23.26 5.74 -13.07
CA MET B 112 24.14 5.08 -12.09
C MET B 112 23.91 3.57 -12.12
N ILE B 113 22.62 3.17 -12.14
CA ILE B 113 22.25 1.76 -12.13
C ILE B 113 22.71 1.17 -13.44
N LYS B 114 22.43 1.86 -14.57
CA LYS B 114 22.82 1.32 -15.88
C LYS B 114 24.37 1.15 -16.00
N ALA B 115 25.16 2.09 -15.45
CA ALA B 115 26.62 1.92 -15.43
C ALA B 115 27.13 0.81 -14.51
N PHE B 116 26.52 0.63 -13.33
CA PHE B 116 27.07 -0.24 -12.25
C PHE B 116 26.46 -1.62 -12.16
N LEU B 117 25.18 -1.74 -12.51
CA LEU B 117 24.52 -3.03 -12.48
C LEU B 117 25.27 -4.17 -13.26
N PRO B 118 25.81 -3.90 -14.48
CA PRO B 118 26.52 -5.01 -15.14
C PRO B 118 27.66 -5.66 -14.35
N LYS B 119 28.33 -4.88 -13.50
CA LYS B 119 29.35 -5.43 -12.55
C LYS B 119 28.73 -6.41 -11.56
N MET B 120 27.58 -6.01 -11.01
CA MET B 120 26.85 -6.84 -10.07
C MET B 120 26.40 -8.12 -10.79
N LEU B 121 25.86 -7.99 -11.99
CA LEU B 121 25.40 -9.16 -12.71
C LEU B 121 26.53 -10.12 -13.01
N ALA B 122 27.71 -9.65 -13.41
CA ALA B 122 28.84 -10.54 -13.66
C ALA B 122 29.30 -11.24 -12.38
N GLN B 123 28.98 -10.70 -11.22
CA GLN B 123 29.34 -11.43 -10.03
C GLN B 123 28.16 -12.18 -9.41
N LYS B 124 27.00 -12.20 -10.08
CA LYS B 124 25.77 -12.83 -9.59
C LYS B 124 25.38 -12.36 -8.18
N SER B 125 25.67 -11.10 -7.88
CA SER B 125 25.39 -10.58 -6.57
C SER B 125 25.41 -9.06 -6.59
N GLY B 126 24.44 -8.41 -5.97
CA GLY B 126 24.52 -6.96 -5.83
C GLY B 126 23.36 -6.41 -5.05
N ASN B 127 23.46 -5.17 -4.62
CA ASN B 127 22.40 -4.58 -3.80
C ASN B 127 22.35 -3.10 -4.09
N ILE B 128 21.19 -2.64 -4.51
CA ILE B 128 21.00 -1.24 -4.92
C ILE B 128 19.96 -0.61 -3.94
N ILE B 129 20.37 0.43 -3.23
CA ILE B 129 19.49 1.22 -2.33
C ILE B 129 19.27 2.63 -2.90
N ASN B 130 18.02 3.02 -3.08
CA ASN B 130 17.65 4.28 -3.66
C ASN B 130 16.96 5.15 -2.62
N MET B 131 17.25 6.44 -2.63
CA MET B 131 16.58 7.40 -1.70
C MET B 131 15.28 7.91 -2.29
N SER B 132 14.16 7.55 -1.64
CA SER B 132 12.83 8.08 -2.00
C SER B 132 12.39 8.99 -0.86
N SER B 133 11.09 9.00 -0.55
CA SER B 133 10.48 9.89 0.43
C SER B 133 9.06 9.42 0.70
N VAL B 134 8.49 9.76 1.85
CA VAL B 134 7.06 9.59 1.98
C VAL B 134 6.23 10.51 1.05
N ALA B 135 6.80 11.66 0.70
CA ALA B 135 6.28 12.58 -0.30
C ALA B 135 6.59 11.94 -1.71
N SER B 136 5.62 11.19 -2.20
CA SER B 136 5.82 10.23 -3.25
C SER B 136 4.48 9.57 -3.56
N SER B 137 4.51 8.36 -4.10
CA SER B 137 3.31 7.55 -4.24
C SER B 137 2.80 7.08 -2.87
N VAL B 138 3.64 7.26 -1.85
CA VAL B 138 3.26 6.83 -0.52
C VAL B 138 2.11 7.67 0.01
N LYS B 139 2.30 8.98 0.04
CA LYS B 139 1.24 9.88 0.41
C LYS B 139 1.37 11.24 -0.24
N GLY B 140 0.28 11.99 -0.17
CA GLY B 140 0.25 13.35 -0.66
C GLY B 140 0.81 14.31 0.36
N VAL B 141 1.65 15.20 -0.13
CA VAL B 141 2.33 16.19 0.70
C VAL B 141 2.30 17.55 -0.02
N VAL B 142 1.93 18.60 0.70
CA VAL B 142 1.67 19.89 0.06
C VAL B 142 2.95 20.60 -0.34
N ASN B 143 2.88 21.37 -1.43
CA ASN B 143 4.01 22.16 -1.91
C ASN B 143 5.22 21.34 -2.36
N ARG B 144 4.98 20.11 -2.82
CA ARG B 144 6.06 19.23 -3.23
C ARG B 144 5.80 18.50 -4.56
N CYS B 145 5.27 19.23 -5.53
CA CYS B 145 4.80 18.60 -6.75
C CYS B 145 5.85 17.81 -7.50
N VAL B 146 6.90 18.47 -7.99
CA VAL B 146 7.89 17.74 -8.77
C VAL B 146 8.73 16.78 -7.91
N TYR B 147 8.92 17.15 -6.65
CA TYR B 147 9.63 16.26 -5.72
C TYR B 147 8.89 14.94 -5.55
N SER B 148 7.61 15.05 -5.21
CA SER B 148 6.77 13.88 -5.01
C SER B 148 6.71 13.03 -6.28
N THR B 149 6.65 13.70 -7.42
CA THR B 149 6.62 13.02 -8.69
C THR B 149 7.91 12.22 -8.94
N THR B 150 9.07 12.83 -8.68
CA THR B 150 10.33 12.13 -8.86
C THR B 150 10.52 11.02 -7.84
N LYS B 151 10.12 11.29 -6.61
CA LYS B 151 10.31 10.33 -5.54
C LYS B 151 9.41 9.10 -5.70
N ALA B 152 8.22 9.28 -6.26
CA ALA B 152 7.40 8.15 -6.71
C ALA B 152 8.11 7.38 -7.79
N ALA B 153 8.65 8.13 -8.75
CA ALA B 153 9.43 7.54 -9.86
C ALA B 153 10.53 6.65 -9.31
N VAL B 154 11.17 7.06 -8.22
CA VAL B 154 12.17 6.24 -7.58
C VAL B 154 11.72 4.88 -7.13
N ILE B 155 10.54 4.85 -6.55
CA ILE B 155 9.88 3.59 -6.19
C ILE B 155 9.58 2.69 -7.39
N GLY B 156 9.08 3.25 -8.48
CA GLY B 156 8.83 2.47 -9.68
C GLY B 156 10.11 1.84 -10.21
N LEU B 157 11.15 2.66 -10.21
CA LEU B 157 12.47 2.22 -10.75
C LEU B 157 13.03 1.10 -9.88
N THR B 158 12.85 1.27 -8.57
CA THR B 158 13.33 0.26 -7.56
C THR B 158 12.65 -1.10 -7.75
N LYS B 159 11.32 -1.08 -7.85
CA LYS B 159 10.58 -2.32 -8.04
C LYS B 159 10.89 -3.00 -9.39
N SER B 160 11.05 -2.18 -10.42
CA SER B 160 11.47 -2.66 -11.74
C SER B 160 12.77 -3.44 -11.69
N VAL B 161 13.81 -2.82 -11.13
CA VAL B 161 15.13 -3.43 -11.03
C VAL B 161 15.10 -4.68 -10.18
N ALA B 162 14.35 -4.61 -9.10
CA ALA B 162 14.16 -5.76 -8.22
C ALA B 162 13.53 -6.97 -8.94
N ALA B 163 12.45 -6.72 -9.70
CA ALA B 163 11.77 -7.73 -10.46
C ALA B 163 12.65 -8.28 -11.59
N ASP B 164 13.37 -7.39 -12.27
CA ASP B 164 14.14 -7.85 -13.48
C ASP B 164 15.36 -8.74 -13.12
N PHE B 165 15.94 -8.54 -11.95
CA PHE B 165 17.26 -9.14 -11.67
C PHE B 165 17.37 -9.97 -10.40
N ILE B 166 16.19 -10.27 -9.83
CA ILE B 166 16.08 -11.10 -8.66
C ILE B 166 16.68 -12.49 -8.88
N GLN B 167 16.62 -13.02 -10.08
CA GLN B 167 17.15 -14.35 -10.27
C GLN B 167 18.62 -14.28 -10.58
N GLN B 168 19.23 -13.10 -10.69
CA GLN B 168 20.67 -12.98 -10.95
CA GLN B 168 20.67 -12.97 -10.95
C GLN B 168 21.37 -12.46 -9.71
N GLY B 169 20.73 -12.65 -8.54
CA GLY B 169 21.35 -12.32 -7.25
C GLY B 169 21.27 -10.85 -6.81
N ILE B 170 20.48 -10.03 -7.49
CA ILE B 170 20.40 -8.63 -7.22
C ILE B 170 19.19 -8.24 -6.34
N ARG B 171 19.44 -7.43 -5.33
CA ARG B 171 18.28 -6.84 -4.67
C ARG B 171 18.25 -5.34 -4.82
N CYS B 172 17.05 -4.82 -4.70
CA CYS B 172 16.83 -3.40 -4.82
C CYS B 172 15.72 -2.93 -3.88
N ASN B 173 16.03 -1.94 -3.05
CA ASN B 173 15.04 -1.36 -2.14
C ASN B 173 15.14 0.12 -2.13
N CYS B 174 14.15 0.79 -1.56
CA CYS B 174 14.33 2.25 -1.43
C CYS B 174 13.91 2.69 -0.04
N VAL B 175 14.50 3.81 0.38
CA VAL B 175 14.23 4.41 1.71
C VAL B 175 13.29 5.60 1.59
N CYS B 176 12.24 5.64 2.43
CA CYS B 176 11.22 6.72 2.38
C CYS B 176 11.12 7.46 3.72
N PRO B 177 12.01 8.46 3.93
CA PRO B 177 11.95 9.21 5.16
C PRO B 177 10.81 10.21 5.23
N GLY B 178 10.48 10.59 6.44
CA GLY B 178 9.78 11.81 6.72
C GLY B 178 10.84 12.93 6.82
N THR B 179 10.64 13.87 7.73
CA THR B 179 11.52 15.00 7.83
C THR B 179 12.80 14.62 8.52
N VAL B 180 13.92 14.93 7.86
CA VAL B 180 15.27 14.68 8.39
C VAL B 180 16.05 16.00 8.55
N ASP B 181 16.64 16.20 9.73
CA ASP B 181 17.36 17.43 10.02
C ASP B 181 18.70 17.45 9.27
N THR B 182 18.71 18.03 8.09
CA THR B 182 19.90 18.10 7.25
C THR B 182 20.17 19.56 6.85
N PRO B 183 21.37 19.84 6.29
CA PRO B 183 21.59 21.24 5.93
C PRO B 183 20.59 21.78 4.91
N SER B 184 20.13 20.95 3.97
CA SER B 184 19.15 21.43 2.99
C SER B 184 17.82 21.74 3.64
N LEU B 185 17.36 20.91 4.57
CA LEU B 185 16.18 21.27 5.33
C LEU B 185 16.32 22.61 6.00
N GLN B 186 17.49 22.90 6.59
CA GLN B 186 17.67 24.20 7.20
C GLN B 186 17.61 25.35 6.17
N GLU B 187 18.19 25.14 5.00
CA GLU B 187 18.06 26.07 3.91
C GLU B 187 16.60 26.29 3.57
N ARG B 188 15.84 25.22 3.49
CA ARG B 188 14.40 25.37 3.13
C ARG B 188 13.60 26.14 4.20
N ILE B 189 13.91 25.91 5.48
CA ILE B 189 13.33 26.69 6.57
C ILE B 189 13.68 28.20 6.44
N GLN B 190 14.99 28.50 6.28
CA GLN B 190 15.47 29.84 6.22
C GLN B 190 14.88 30.61 5.01
N ALA B 191 14.63 29.87 3.93
CA ALA B 191 14.14 30.45 2.69
C ALA B 191 12.72 30.97 2.82
N ARG B 192 11.99 30.46 3.79
CA ARG B 192 10.62 30.91 3.98
C ARG B 192 10.56 32.35 4.46
N GLY B 193 9.44 33.00 4.25
CA GLY B 193 9.21 34.36 4.73
C GLY B 193 9.41 34.51 6.23
N ASN B 194 8.77 33.65 7.03
CA ASN B 194 9.04 33.62 8.49
C ASN B 194 9.60 32.26 8.86
N PRO B 195 10.94 32.17 9.01
CA PRO B 195 11.56 30.85 9.27
C PRO B 195 11.20 30.27 10.65
N GLU B 196 11.00 31.15 11.60
CA GLU B 196 10.56 30.80 12.96
C GLU B 196 9.28 29.96 12.79
N GLU B 197 8.36 30.45 11.95
CA GLU B 197 7.11 29.76 11.64
C GLU B 197 7.20 28.57 10.67
N ALA B 198 8.12 28.60 9.70
CA ALA B 198 8.23 27.46 8.82
C ALA B 198 8.64 26.22 9.62
N ARG B 199 9.53 26.40 10.59
CA ARG B 199 10.00 25.29 11.43
C ARG B 199 8.83 24.57 12.15
N ASN B 200 7.79 25.32 12.48
CA ASN B 200 6.60 24.76 13.14
C ASN B 200 5.66 23.96 12.19
N ASP B 201 5.56 24.38 10.94
CA ASP B 201 4.81 23.59 9.95
C ASP B 201 5.48 22.25 9.77
N PHE B 202 6.80 22.26 9.80
CA PHE B 202 7.55 21.02 9.53
C PHE B 202 7.40 20.04 10.72
N LEU B 203 7.37 20.60 11.93
CA LEU B 203 7.21 19.82 13.15
C LEU B 203 5.78 19.26 13.26
N LYS B 204 4.80 20.01 12.74
CA LYS B 204 3.39 19.57 12.66
C LYS B 204 3.24 18.19 12.06
N ARG B 205 4.00 17.89 11.03
CA ARG B 205 3.97 16.56 10.47
C ARG B 205 4.37 15.52 11.51
N GLN B 206 5.17 15.94 12.49
CA GLN B 206 5.90 14.98 13.31
C GLN B 206 5.32 14.97 14.72
N LYS B 207 4.42 14.01 14.93
CA LYS B 207 3.74 13.87 16.21
C LYS B 207 4.71 13.51 17.33
N THR B 208 5.89 12.98 17.04
CA THR B 208 6.86 12.77 18.13
C THR B 208 7.58 14.06 18.52
N GLY B 209 7.40 15.14 17.77
CA GLY B 209 7.90 16.44 18.22
C GLY B 209 9.34 16.69 17.79
N ARG B 210 9.90 15.81 16.98
CA ARG B 210 11.24 15.99 16.43
C ARG B 210 11.34 15.49 14.98
N PHE B 211 12.34 16.02 14.30
CA PHE B 211 12.77 15.47 13.02
C PHE B 211 13.64 14.26 13.32
N ALA B 212 13.82 13.41 12.31
CA ALA B 212 14.83 12.32 12.35
C ALA B 212 16.21 12.95 12.19
N THR B 213 17.24 12.26 12.67
CA THR B 213 18.60 12.66 12.43
C THR B 213 19.09 11.90 11.21
N ALA B 214 20.05 12.50 10.55
CA ALA B 214 20.68 11.82 9.45
C ALA B 214 21.29 10.50 9.92
N GLU B 215 21.84 10.45 11.13
N GLU B 215 21.83 10.44 11.15
CA GLU B 215 22.39 9.19 11.63
CA GLU B 215 22.39 9.17 11.67
C GLU B 215 21.33 8.07 11.60
C GLU B 215 21.37 8.01 11.81
N GLU B 216 20.13 8.34 12.11
CA GLU B 216 19.03 7.37 12.13
C GLU B 216 18.70 6.85 10.77
N ILE B 217 18.60 7.75 9.78
CA ILE B 217 18.49 7.30 8.40
C ILE B 217 19.65 6.38 7.99
N ALA B 218 20.86 6.76 8.38
CA ALA B 218 22.02 5.93 8.05
C ALA B 218 21.92 4.51 8.62
N MET B 219 21.43 4.38 9.84
CA MET B 219 21.41 3.05 10.48
C MET B 219 20.42 2.14 9.76
N LEU B 220 19.39 2.72 9.13
CA LEU B 220 18.52 1.88 8.29
C LEU B 220 19.28 1.46 7.04
N CYS B 221 20.04 2.38 6.44
CA CYS B 221 20.85 2.03 5.30
C CYS B 221 21.88 0.94 5.61
N VAL B 222 22.46 0.94 6.81
CA VAL B 222 23.35 -0.15 7.27
C VAL B 222 22.65 -1.48 7.23
N TYR B 223 21.46 -1.52 7.87
CA TYR B 223 20.63 -2.73 7.85
C TYR B 223 20.40 -3.22 6.39
N LEU B 224 20.02 -2.30 5.51
CA LEU B 224 19.65 -2.68 4.13
C LEU B 224 20.86 -3.01 3.28
N ALA B 225 21.99 -2.37 3.59
CA ALA B 225 23.29 -2.76 2.99
C ALA B 225 23.85 -4.10 3.46
N SER B 226 23.46 -4.59 4.62
CA SER B 226 24.11 -5.77 5.20
C SER B 226 23.50 -7.07 4.72
N ASP B 227 24.24 -8.18 4.80
CA ASP B 227 23.67 -9.46 4.52
C ASP B 227 22.53 -9.86 5.46
N GLU B 228 22.43 -9.20 6.63
CA GLU B 228 21.27 -9.44 7.55
C GLU B 228 19.91 -9.36 6.80
N SER B 229 19.85 -8.46 5.83
CA SER B 229 18.63 -8.16 5.08
C SER B 229 18.58 -8.78 3.68
N ALA B 230 19.36 -9.85 3.48
CA ALA B 230 19.45 -10.54 2.20
C ALA B 230 18.08 -10.89 1.67
N TYR B 231 17.17 -11.23 2.56
CA TYR B 231 15.80 -11.62 2.11
C TYR B 231 14.79 -10.46 1.88
N VAL B 232 15.30 -9.23 1.95
CA VAL B 232 14.52 -8.03 1.71
C VAL B 232 14.79 -7.39 0.33
N THR B 233 13.77 -7.40 -0.55
CA THR B 233 13.94 -6.79 -1.88
C THR B 233 12.58 -6.30 -2.44
N GLY B 234 12.64 -5.21 -3.19
CA GLY B 234 11.53 -4.62 -3.85
C GLY B 234 10.65 -3.76 -2.96
N ASN B 235 11.17 -3.29 -1.83
CA ASN B 235 10.36 -2.55 -0.89
C ASN B 235 10.72 -1.09 -0.74
N PRO B 236 9.67 -0.21 -0.57
CA PRO B 236 9.90 1.12 -0.05
C PRO B 236 9.83 1.02 1.48
N VAL B 237 10.96 1.17 2.13
CA VAL B 237 11.01 1.07 3.61
C VAL B 237 10.76 2.48 4.23
N ILE B 238 9.73 2.58 5.01
CA ILE B 238 9.31 3.85 5.56
C ILE B 238 10.08 4.11 6.86
N ILE B 239 10.52 5.34 7.06
CA ILE B 239 11.14 5.77 8.32
C ILE B 239 10.70 7.25 8.58
N ASP B 240 9.47 7.40 9.09
CA ASP B 240 8.79 8.70 9.08
C ASP B 240 8.18 9.19 10.34
N GLY B 241 8.44 8.47 11.43
CA GLY B 241 8.05 9.00 12.72
C GLY B 241 6.55 9.08 12.85
N GLY B 242 5.82 8.29 12.08
CA GLY B 242 4.38 8.26 12.18
C GLY B 242 3.68 9.22 11.20
N TRP B 243 4.43 9.94 10.37
CA TRP B 243 3.81 10.95 9.53
C TRP B 243 2.74 10.33 8.63
N SER B 244 3.10 9.24 7.92
CA SER B 244 2.18 8.58 6.95
C SER B 244 1.20 7.68 7.61
N LEU B 245 1.25 7.64 8.94
CA LEU B 245 0.46 6.66 9.70
C LEU B 245 -1.02 6.97 9.61
N GLY B 246 -1.34 8.25 9.81
CA GLY B 246 -2.68 8.75 10.18
C GLY B 246 -2.78 9.07 11.68
N GLY C 2 -28.19 10.80 -18.76
CA GLY C 2 -26.76 10.45 -18.71
C GLY C 2 -26.07 10.72 -17.39
N ARG C 3 -25.17 9.83 -17.01
CA ARG C 3 -24.40 9.99 -15.76
C ARG C 3 -23.36 11.11 -15.76
N LEU C 4 -23.11 11.71 -16.93
CA LEU C 4 -22.13 12.81 -17.04
C LEU C 4 -22.74 14.09 -17.66
N ASP C 5 -24.07 14.22 -17.62
CA ASP C 5 -24.80 15.38 -18.15
C ASP C 5 -24.26 16.70 -17.62
N GLY C 6 -24.17 17.70 -18.48
CA GLY C 6 -23.52 19.02 -18.16
C GLY C 6 -21.96 19.02 -17.95
N LYS C 7 -21.30 17.88 -18.11
CA LYS C 7 -19.87 17.85 -17.82
C LYS C 7 -19.16 18.19 -19.10
N VAL C 8 -18.11 18.99 -18.99
CA VAL C 8 -17.23 19.25 -20.14
C VAL C 8 -15.97 18.48 -19.84
N ILE C 9 -15.62 17.57 -20.73
CA ILE C 9 -14.50 16.67 -20.52
C ILE C 9 -13.50 16.82 -21.65
N ILE C 10 -12.25 17.09 -21.29
CA ILE C 10 -11.15 17.00 -22.24
C ILE C 10 -10.26 15.79 -21.94
N LEU C 11 -9.88 15.07 -22.99
CA LEU C 11 -9.01 13.91 -22.85
C LEU C 11 -8.01 13.82 -24.00
N THR C 12 -6.86 13.21 -23.74
CA THR C 12 -5.82 13.08 -24.75
C THR C 12 -5.74 11.65 -25.28
N ALA C 13 -4.84 11.43 -26.24
CA ALA C 13 -4.66 10.10 -26.83
C ALA C 13 -6.04 9.45 -27.16
N ALA C 14 -6.95 10.25 -27.70
CA ALA C 14 -8.30 9.78 -27.86
C ALA C 14 -8.60 8.95 -29.11
N ALA C 15 -7.63 8.77 -30.00
CA ALA C 15 -7.97 8.24 -31.30
C ALA C 15 -8.20 6.72 -31.32
N GLN C 16 -7.65 6.02 -30.33
CA GLN C 16 -7.75 4.58 -30.26
C GLN C 16 -7.46 4.15 -28.85
N GLY C 17 -7.60 2.86 -28.62
CA GLY C 17 -7.30 2.29 -27.29
C GLY C 17 -8.28 2.80 -26.22
N ILE C 18 -7.72 2.95 -25.03
CA ILE C 18 -8.49 3.39 -23.90
C ILE C 18 -9.06 4.77 -24.08
N GLY C 19 -8.31 5.68 -24.68
CA GLY C 19 -8.79 7.04 -24.97
C GLY C 19 -10.06 7.06 -25.80
N GLN C 20 -10.05 6.26 -26.85
CA GLN C 20 -11.16 6.19 -27.77
C GLN C 20 -12.45 5.68 -27.07
N ALA C 21 -12.28 4.57 -26.33
CA ALA C 21 -13.38 3.93 -25.62
C ALA C 21 -13.92 4.93 -24.57
N ALA C 22 -13.02 5.69 -23.92
CA ALA C 22 -13.42 6.69 -22.92
C ALA C 22 -14.18 7.85 -23.52
N ALA C 23 -13.70 8.33 -24.64
CA ALA C 23 -14.40 9.36 -25.39
C ALA C 23 -15.86 8.96 -25.71
N LEU C 24 -16.01 7.77 -26.28
CA LEU C 24 -17.32 7.26 -26.69
C LEU C 24 -18.21 7.00 -25.44
N ALA C 25 -17.61 6.51 -24.36
CA ALA C 25 -18.38 6.22 -23.13
C ALA C 25 -18.82 7.53 -22.47
N PHE C 26 -17.94 8.51 -22.44
CA PHE C 26 -18.30 9.85 -21.92
C PHE C 26 -19.43 10.48 -22.68
N ALA C 27 -19.32 10.47 -24.01
CA ALA C 27 -20.31 11.03 -24.89
C ALA C 27 -21.66 10.34 -24.71
N ARG C 28 -21.68 9.02 -24.61
CA ARG C 28 -22.93 8.26 -24.39
C ARG C 28 -23.60 8.61 -23.06
N GLU C 29 -22.82 9.02 -22.07
CA GLU C 29 -23.35 9.46 -20.79
C GLU C 29 -23.63 10.94 -20.71
N GLY C 30 -23.64 11.61 -21.85
CA GLY C 30 -24.15 12.95 -21.90
C GLY C 30 -23.13 14.04 -21.70
N ALA C 31 -21.85 13.69 -21.71
CA ALA C 31 -20.82 14.73 -21.61
C ALA C 31 -20.65 15.47 -22.93
N LYS C 32 -20.17 16.72 -22.77
CA LYS C 32 -19.54 17.47 -23.87
C LYS C 32 -18.08 17.09 -23.90
N VAL C 33 -17.68 16.33 -24.92
CA VAL C 33 -16.35 15.81 -25.02
C VAL C 33 -15.46 16.56 -26.02
N ILE C 34 -14.28 16.93 -25.56
CA ILE C 34 -13.27 17.44 -26.50
C ILE C 34 -12.14 16.42 -26.52
N ALA C 35 -12.09 15.69 -27.60
CA ALA C 35 -11.27 14.52 -27.75
C ALA C 35 -10.05 14.91 -28.61
N THR C 36 -8.84 14.69 -28.08
CA THR C 36 -7.60 15.14 -28.73
C THR C 36 -6.66 13.95 -28.96
N ASP C 37 -5.85 14.06 -30.02
CA ASP C 37 -4.82 13.06 -30.38
C ASP C 37 -3.88 13.73 -31.40
N ILE C 38 -2.72 13.14 -31.63
CA ILE C 38 -1.87 13.60 -32.72
C ILE C 38 -2.25 13.05 -34.07
N ASN C 39 -2.97 11.92 -34.08
CA ASN C 39 -3.38 11.26 -35.30
C ASN C 39 -4.69 11.84 -35.85
N GLU C 40 -4.55 12.83 -36.75
CA GLU C 40 -5.68 13.59 -37.19
C GLU C 40 -6.72 12.73 -37.90
N SER C 41 -6.31 11.86 -38.83
CA SER C 41 -7.31 11.14 -39.64
C SER C 41 -8.17 10.16 -38.82
N LYS C 42 -7.55 9.46 -37.89
CA LYS C 42 -8.25 8.54 -37.01
C LYS C 42 -9.10 9.33 -36.02
N LEU C 43 -8.52 10.38 -35.49
CA LEU C 43 -9.19 11.17 -34.48
C LEU C 43 -10.52 11.69 -35.03
N GLN C 44 -10.51 12.13 -36.26
CA GLN C 44 -11.68 12.82 -36.81
C GLN C 44 -12.91 11.88 -37.06
N GLU C 45 -12.70 10.56 -37.07
CA GLU C 45 -13.79 9.57 -37.02
C GLU C 45 -14.78 9.82 -35.85
N LEU C 46 -14.29 10.35 -34.73
CA LEU C 46 -15.16 10.55 -33.55
C LEU C 46 -16.14 11.69 -33.76
N GLU C 47 -15.84 12.53 -34.75
CA GLU C 47 -16.69 13.69 -35.07
C GLU C 47 -18.13 13.25 -35.36
N LYS C 48 -18.29 12.01 -35.85
CA LYS C 48 -19.62 11.46 -36.18
C LYS C 48 -20.47 11.13 -34.96
N TYR C 49 -19.89 11.14 -33.77
CA TYR C 49 -20.61 10.73 -32.59
C TYR C 49 -21.16 11.96 -31.89
N PRO C 50 -22.46 11.96 -31.62
CA PRO C 50 -23.04 13.08 -30.88
C PRO C 50 -22.27 13.32 -29.60
N GLY C 51 -22.01 14.60 -29.31
CA GLY C 51 -21.35 15.02 -28.09
C GLY C 51 -19.83 15.14 -28.16
N ILE C 52 -19.20 14.66 -29.25
CA ILE C 52 -17.72 14.72 -29.34
C ILE C 52 -17.33 15.78 -30.33
N GLN C 53 -16.44 16.67 -29.91
CA GLN C 53 -15.70 17.54 -30.83
C GLN C 53 -14.22 17.20 -30.74
N THR C 54 -13.50 17.37 -31.83
CA THR C 54 -12.12 16.93 -31.85
C THR C 54 -11.15 18.08 -32.09
N ARG C 55 -9.92 17.89 -31.60
CA ARG C 55 -8.83 18.83 -31.87
C ARG C 55 -7.50 18.09 -31.87
N VAL C 56 -6.68 18.32 -32.90
CA VAL C 56 -5.35 17.74 -32.96
C VAL C 56 -4.46 18.38 -31.90
N LEU C 57 -3.80 17.56 -31.13
CA LEU C 57 -2.90 18.04 -30.08
C LEU C 57 -1.79 17.02 -29.79
N ASP C 58 -0.55 17.48 -29.88
CA ASP C 58 0.61 16.77 -29.39
C ASP C 58 0.87 17.23 -27.98
N VAL C 59 0.72 16.29 -27.04
CA VAL C 59 0.88 16.60 -25.61
C VAL C 59 2.32 16.78 -25.15
N THR C 60 3.29 16.69 -26.06
CA THR C 60 4.68 16.98 -25.68
C THR C 60 5.06 18.44 -26.02
N LYS C 61 4.15 19.14 -26.70
CA LYS C 61 4.38 20.50 -27.24
C LYS C 61 3.67 21.56 -26.35
N LYS C 62 4.41 22.15 -25.40
CA LYS C 62 3.89 23.14 -24.44
C LYS C 62 3.14 24.27 -25.14
N LYS C 63 3.69 24.73 -26.26
CA LYS C 63 3.12 25.85 -27.01
C LYS C 63 1.72 25.51 -27.55
N GLN C 64 1.56 24.31 -28.05
CA GLN C 64 0.29 23.83 -28.53
C GLN C 64 -0.71 23.69 -27.40
N ILE C 65 -0.24 23.10 -26.29
CA ILE C 65 -1.03 22.94 -25.09
C ILE C 65 -1.58 24.29 -24.59
N ASP C 66 -0.70 25.27 -24.47
CA ASP C 66 -1.11 26.58 -23.95
C ASP C 66 -2.15 27.27 -24.88
N GLN C 67 -1.93 27.16 -26.18
CA GLN C 67 -2.86 27.74 -27.16
C GLN C 67 -4.25 27.08 -27.06
N PHE C 68 -4.27 25.76 -26.93
CA PHE C 68 -5.50 24.98 -26.72
C PHE C 68 -6.24 25.44 -25.46
N ALA C 69 -5.52 25.50 -24.35
CA ALA C 69 -6.12 25.97 -23.17
C ALA C 69 -6.73 27.35 -23.38
N ASN C 70 -6.08 28.24 -24.07
CA ASN C 70 -6.64 29.60 -24.28
C ASN C 70 -7.95 29.58 -25.11
N GLU C 71 -8.14 28.54 -25.90
CA GLU C 71 -9.37 28.32 -26.68
C GLU C 71 -10.54 27.84 -25.82
N VAL C 72 -10.27 27.24 -24.66
CA VAL C 72 -11.28 26.59 -23.86
C VAL C 72 -11.78 27.50 -22.72
N GLU C 73 -13.09 27.70 -22.72
CA GLU C 73 -13.80 28.58 -21.80
C GLU C 73 -13.91 27.96 -20.42
N ARG C 74 -14.17 26.65 -20.37
CA ARG C 74 -14.34 25.97 -19.12
C ARG C 74 -14.14 24.49 -19.31
N LEU C 75 -13.68 23.82 -18.11
CA LEU C 75 -13.90 22.38 -18.16
C LEU C 75 -14.32 21.85 -16.79
N ASP C 76 -14.77 20.65 -16.72
CA ASP C 76 -15.00 19.91 -15.48
C ASP C 76 -14.00 18.81 -15.21
N VAL C 77 -13.61 18.12 -16.27
CA VAL C 77 -12.78 16.97 -16.12
C VAL C 77 -11.63 17.03 -17.15
N LEU C 78 -10.42 16.78 -16.68
CA LEU C 78 -9.30 16.50 -17.60
C LEU C 78 -8.82 15.07 -17.45
N PHE C 79 -8.78 14.33 -18.57
CA PHE C 79 -8.32 12.99 -18.57
C PHE C 79 -7.06 12.85 -19.39
N ASN C 80 -5.91 12.72 -18.69
CA ASN C 80 -4.58 12.54 -19.29
C ASN C 80 -4.37 11.08 -19.60
N VAL C 81 -4.42 10.75 -20.87
CA VAL C 81 -4.33 9.34 -21.29
C VAL C 81 -3.00 9.01 -21.94
N ALA C 82 -2.41 9.98 -22.62
CA ALA C 82 -1.20 9.69 -23.46
C ALA C 82 -0.09 8.97 -22.70
N GLY C 83 0.45 7.92 -23.31
CA GLY C 83 1.60 7.23 -22.74
C GLY C 83 2.12 6.16 -23.70
N PHE C 84 3.42 5.90 -23.68
CA PHE C 84 4.05 4.87 -24.52
C PHE C 84 4.63 3.78 -23.60
N VAL C 85 4.60 2.53 -24.05
CA VAL C 85 5.13 1.39 -23.30
C VAL C 85 6.37 0.89 -23.98
N HIS C 86 7.53 1.22 -23.40
CA HIS C 86 8.81 0.73 -23.85
C HIS C 86 9.02 -0.68 -23.34
N HIS C 87 9.59 -1.55 -24.18
CA HIS C 87 9.93 -2.89 -23.73
C HIS C 87 11.43 -2.96 -23.41
N GLY C 88 11.74 -3.28 -22.16
CA GLY C 88 13.13 -3.61 -21.76
C GLY C 88 13.43 -3.38 -20.27
N THR C 89 14.53 -3.97 -19.83
CA THR C 89 15.01 -3.66 -18.49
C THR C 89 15.73 -2.29 -18.49
N VAL C 90 16.19 -1.87 -17.29
CA VAL C 90 17.03 -0.68 -17.20
C VAL C 90 18.21 -0.78 -18.18
N LEU C 91 18.77 -1.97 -18.40
CA LEU C 91 19.90 -2.15 -19.34
C LEU C 91 19.57 -2.05 -20.85
N ASP C 92 18.31 -2.30 -21.14
CA ASP C 92 17.77 -2.21 -22.47
C ASP C 92 17.34 -0.75 -22.81
N CYS C 93 17.35 0.14 -21.82
N CYS C 93 17.28 0.12 -21.78
CA CYS C 93 16.87 1.48 -22.01
CA CYS C 93 16.96 1.54 -21.96
C CYS C 93 18.01 2.47 -22.30
C CYS C 93 18.16 2.37 -22.34
N GLU C 94 18.14 2.92 -23.55
CA GLU C 94 19.12 3.92 -23.95
C GLU C 94 18.61 5.31 -23.58
N GLU C 95 19.48 6.33 -23.64
CA GLU C 95 19.04 7.69 -23.18
C GLU C 95 17.84 8.18 -23.96
N LYS C 96 17.84 7.90 -25.28
CA LYS C 96 16.69 8.25 -26.11
C LYS C 96 15.41 7.59 -25.64
N ASP C 97 15.45 6.33 -25.23
CA ASP C 97 14.26 5.64 -24.68
C ASP C 97 13.74 6.24 -23.36
N TRP C 98 14.69 6.56 -22.50
CA TRP C 98 14.38 7.09 -21.21
C TRP C 98 13.71 8.46 -21.36
N ASP C 99 14.32 9.34 -22.13
CA ASP C 99 13.79 10.68 -22.27
C ASP C 99 12.48 10.69 -23.03
N PHE C 100 12.37 9.89 -24.08
CA PHE C 100 11.08 9.82 -24.85
C PHE C 100 9.95 9.45 -23.95
N SER C 101 10.16 8.43 -23.13
CA SER C 101 9.10 7.99 -22.21
C SER C 101 8.77 8.98 -21.10
N MET C 102 9.80 9.59 -20.52
CA MET C 102 9.60 10.55 -19.46
C MET C 102 8.82 11.78 -20.02
N ASN C 103 9.17 12.23 -21.21
CA ASN C 103 8.49 13.37 -21.85
C ASN C 103 7.00 13.10 -22.20
N LEU C 104 6.73 12.01 -22.88
CA LEU C 104 5.35 11.68 -23.25
C LEU C 104 4.49 11.23 -22.08
N ASN C 105 5.08 10.49 -21.12
CA ASN C 105 4.28 9.82 -20.13
C ASN C 105 4.06 10.67 -18.90
N VAL C 106 5.00 11.57 -18.60
CA VAL C 106 4.89 12.34 -17.33
C VAL C 106 4.85 13.87 -17.57
N ARG C 107 5.81 14.34 -18.38
CA ARG C 107 5.91 15.74 -18.67
C ARG C 107 4.65 16.25 -19.27
N SER C 108 4.10 15.43 -20.17
CA SER C 108 2.80 15.69 -20.77
C SER C 108 1.74 16.09 -19.73
N MET C 109 1.65 15.30 -18.69
CA MET C 109 0.64 15.49 -17.65
C MET C 109 0.84 16.78 -16.85
N TYR C 110 2.09 17.03 -16.52
CA TYR C 110 2.52 18.25 -15.87
C TYR C 110 2.11 19.48 -16.70
N LEU C 111 2.43 19.46 -18.00
CA LEU C 111 2.07 20.58 -18.88
C LEU C 111 0.54 20.76 -19.05
N MET C 112 -0.23 19.64 -19.15
CA MET C 112 -1.70 19.70 -19.32
C MET C 112 -2.35 20.22 -18.07
N ILE C 113 -1.90 19.69 -16.92
CA ILE C 113 -2.42 20.08 -15.63
C ILE C 113 -2.13 21.56 -15.39
N LYS C 114 -0.89 21.99 -15.63
CA LYS C 114 -0.52 23.37 -15.33
C LYS C 114 -1.28 24.35 -16.28
N ALA C 115 -1.56 23.91 -17.52
CA ALA C 115 -2.39 24.74 -18.40
C ALA C 115 -3.89 24.81 -18.02
N PHE C 116 -4.49 23.72 -17.55
CA PHE C 116 -5.93 23.62 -17.39
C PHE C 116 -6.41 23.80 -15.93
N LEU C 117 -5.59 23.37 -14.96
CA LEU C 117 -5.90 23.57 -13.54
C LEU C 117 -6.35 25.01 -13.16
N PRO C 118 -5.65 26.07 -13.62
CA PRO C 118 -6.14 27.43 -13.29
C PRO C 118 -7.63 27.71 -13.61
N LYS C 119 -8.12 27.18 -14.74
CA LYS C 119 -9.55 27.19 -15.08
C LYS C 119 -10.43 26.58 -13.98
N MET C 120 -10.04 25.37 -13.56
CA MET C 120 -10.72 24.66 -12.52
C MET C 120 -10.68 25.42 -11.21
N LEU C 121 -9.52 25.97 -10.85
CA LEU C 121 -9.46 26.79 -9.65
C LEU C 121 -10.37 28.01 -9.66
N ALA C 122 -10.44 28.75 -10.76
CA ALA C 122 -11.32 29.89 -10.85
C ALA C 122 -12.80 29.52 -10.76
N GLN C 123 -13.16 28.29 -11.08
CA GLN C 123 -14.53 27.86 -10.83
C GLN C 123 -14.70 27.12 -9.51
N LYS C 124 -13.64 27.00 -8.72
CA LYS C 124 -13.65 26.24 -7.48
C LYS C 124 -14.16 24.77 -7.63
N SER C 125 -13.82 24.16 -8.76
CA SER C 125 -14.30 22.84 -9.03
C SER C 125 -13.54 22.23 -10.17
N GLY C 126 -13.18 20.96 -10.07
CA GLY C 126 -12.48 20.33 -11.19
C GLY C 126 -12.14 18.90 -10.83
N ASN C 127 -11.82 18.10 -11.82
CA ASN C 127 -11.53 16.69 -11.58
C ASN C 127 -10.49 16.24 -12.63
N ILE C 128 -9.33 15.78 -12.16
CA ILE C 128 -8.18 15.37 -13.03
C ILE C 128 -8.03 13.84 -12.83
N ILE C 129 -8.14 13.12 -13.93
CA ILE C 129 -7.91 11.67 -13.95
C ILE C 129 -6.67 11.36 -14.77
N ASN C 130 -5.70 10.64 -14.18
CA ASN C 130 -4.47 10.31 -14.86
C ASN C 130 -4.38 8.81 -15.13
N MET C 131 -3.84 8.43 -16.29
CA MET C 131 -3.58 6.99 -16.60
C MET C 131 -2.23 6.55 -16.05
N SER C 132 -2.29 5.67 -15.05
CA SER C 132 -1.12 4.96 -14.54
C SER C 132 -1.17 3.48 -15.01
N SER C 133 -0.70 2.57 -14.18
CA SER C 133 -0.61 1.14 -14.47
C SER C 133 -0.23 0.43 -13.19
N VAL C 134 -0.54 -0.87 -13.12
CA VAL C 134 0.02 -1.66 -12.01
C VAL C 134 1.56 -1.81 -12.10
N ALA C 135 2.14 -1.71 -13.31
CA ALA C 135 3.58 -1.62 -13.54
C ALA C 135 4.00 -0.16 -13.18
N SER C 136 4.42 0.00 -11.91
CA SER C 136 4.56 1.28 -11.32
C SER C 136 5.05 1.04 -9.89
N SER C 137 4.70 1.96 -8.98
CA SER C 137 4.98 1.78 -7.59
C SER C 137 4.06 0.65 -6.97
N VAL C 138 3.04 0.23 -7.71
CA VAL C 138 2.11 -0.76 -7.17
C VAL C 138 2.84 -2.11 -7.12
N LYS C 139 3.48 -2.52 -8.20
CA LYS C 139 4.24 -3.75 -8.14
C LYS C 139 5.30 -3.76 -9.23
N GLY C 140 6.20 -4.72 -9.10
CA GLY C 140 7.28 -4.89 -10.02
C GLY C 140 6.80 -5.78 -11.14
N VAL C 141 7.07 -5.34 -12.37
CA VAL C 141 6.72 -6.04 -13.62
C VAL C 141 8.02 -6.12 -14.45
N VAL C 142 8.30 -7.29 -15.04
CA VAL C 142 9.56 -7.50 -15.79
C VAL C 142 9.52 -6.76 -17.15
N ASN C 143 10.70 -6.37 -17.65
CA ASN C 143 10.88 -5.70 -18.96
C ASN C 143 10.07 -4.44 -19.16
N ARG C 144 9.84 -3.73 -18.07
CA ARG C 144 9.09 -2.50 -18.08
C ARG C 144 9.78 -1.38 -17.24
N CYS C 145 11.06 -1.23 -17.39
CA CYS C 145 11.82 -0.27 -16.55
C CYS C 145 11.35 1.18 -16.66
N VAL C 146 11.52 1.81 -17.82
CA VAL C 146 11.10 3.22 -17.91
C VAL C 146 9.59 3.41 -17.78
N TYR C 147 8.84 2.47 -18.34
CA TYR C 147 7.43 2.50 -18.20
C TYR C 147 7.01 2.51 -16.76
N SER C 148 7.52 1.56 -15.95
CA SER C 148 7.13 1.49 -14.56
C SER C 148 7.52 2.78 -13.81
N THR C 149 8.73 3.28 -14.09
CA THR C 149 9.24 4.50 -13.50
C THR C 149 8.28 5.67 -13.80
N THR C 150 7.85 5.78 -15.07
CA THR C 150 6.92 6.87 -15.41
C THR C 150 5.54 6.70 -14.78
N LYS C 151 5.07 5.46 -14.73
CA LYS C 151 3.73 5.24 -14.25
C LYS C 151 3.66 5.39 -12.73
N ALA C 152 4.80 5.13 -12.07
CA ALA C 152 4.93 5.49 -10.65
C ALA C 152 4.85 7.03 -10.49
N ALA C 153 5.60 7.73 -11.30
CA ALA C 153 5.65 9.22 -11.30
C ALA C 153 4.26 9.76 -11.42
N VAL C 154 3.45 9.14 -12.29
CA VAL C 154 2.07 9.56 -12.43
C VAL C 154 1.30 9.47 -11.11
N ILE C 155 1.54 8.44 -10.33
CA ILE C 155 0.86 8.34 -9.00
C ILE C 155 1.33 9.43 -8.02
N GLY C 156 2.62 9.72 -8.04
CA GLY C 156 3.11 10.82 -7.25
C GLY C 156 2.52 12.15 -7.58
N LEU C 157 2.42 12.39 -8.88
CA LEU C 157 1.86 13.64 -9.40
C LEU C 157 0.38 13.78 -9.02
N THR C 158 -0.34 12.68 -9.14
CA THR C 158 -1.76 12.59 -8.72
C THR C 158 -1.97 12.98 -7.30
N LYS C 159 -1.21 12.34 -6.42
CA LYS C 159 -1.39 12.56 -4.99
C LYS C 159 -1.01 14.00 -4.60
N SER C 160 0.04 14.47 -5.25
CA SER C 160 0.49 15.86 -5.09
C SER C 160 -0.63 16.88 -5.42
N VAL C 161 -1.23 16.75 -6.58
CA VAL C 161 -2.31 17.64 -7.03
C VAL C 161 -3.54 17.53 -6.14
N ALA C 162 -3.86 16.31 -5.74
CA ALA C 162 -4.98 16.10 -4.88
C ALA C 162 -4.79 16.81 -3.50
N ALA C 163 -3.56 16.68 -2.98
CA ALA C 163 -3.19 17.28 -1.70
C ALA C 163 -3.17 18.77 -1.79
N ASP C 164 -2.63 19.31 -2.88
CA ASP C 164 -2.48 20.81 -2.96
C ASP C 164 -3.79 21.57 -3.17
N PHE C 165 -4.75 20.95 -3.82
CA PHE C 165 -5.95 21.69 -4.27
C PHE C 165 -7.30 21.12 -3.78
N ILE C 166 -7.23 20.27 -2.80
CA ILE C 166 -8.41 19.72 -2.20
C ILE C 166 -9.34 20.79 -1.60
N GLN C 167 -8.79 21.86 -1.05
CA GLN C 167 -9.62 22.87 -0.42
C GLN C 167 -10.18 23.81 -1.42
N GLN C 168 -9.81 23.68 -2.70
CA GLN C 168 -10.32 24.57 -3.75
C GLN C 168 -11.19 23.76 -4.70
N GLY C 169 -11.73 22.62 -4.21
CA GLY C 169 -12.75 21.86 -4.92
C GLY C 169 -12.23 20.94 -6.03
N ILE C 170 -10.93 20.71 -6.05
CA ILE C 170 -10.31 19.84 -7.04
C ILE C 170 -10.07 18.39 -6.51
N ARG C 171 -10.36 17.42 -7.37
CA ARG C 171 -10.20 15.99 -7.09
C ARG C 171 -9.16 15.57 -8.09
N CYS C 172 -8.33 14.61 -7.70
CA CYS C 172 -7.35 14.01 -8.64
C CYS C 172 -7.14 12.53 -8.32
N ASN C 173 -7.35 11.63 -9.29
CA ASN C 173 -7.14 10.19 -9.10
C ASN C 173 -6.40 9.63 -10.26
N CYS C 174 -5.85 8.43 -10.12
CA CYS C 174 -5.31 7.77 -11.31
C CYS C 174 -5.87 6.38 -11.45
N VAL C 175 -5.79 5.85 -12.67
CA VAL C 175 -6.27 4.54 -12.98
C VAL C 175 -5.09 3.59 -13.27
N CYS C 176 -5.09 2.38 -12.66
CA CYS C 176 -3.97 1.43 -12.76
C CYS C 176 -4.44 0.07 -13.30
N PRO C 177 -4.52 -0.04 -14.67
CA PRO C 177 -4.89 -1.29 -15.26
C PRO C 177 -3.82 -2.35 -15.23
N GLY C 178 -4.30 -3.59 -15.35
CA GLY C 178 -3.52 -4.74 -15.77
C GLY C 178 -3.41 -4.69 -17.31
N THR C 179 -3.43 -5.84 -17.97
CA THR C 179 -3.32 -5.89 -19.42
C THR C 179 -4.67 -5.61 -20.02
N VAL C 180 -4.68 -4.69 -20.99
CA VAL C 180 -5.87 -4.25 -21.74
C VAL C 180 -5.65 -4.49 -23.24
N ASP C 181 -6.64 -5.09 -23.88
CA ASP C 181 -6.61 -5.41 -25.29
C ASP C 181 -6.76 -4.14 -26.14
N THR C 182 -5.66 -3.48 -26.49
CA THR C 182 -5.65 -2.24 -27.29
C THR C 182 -4.73 -2.46 -28.51
N PRO C 183 -4.77 -1.50 -29.47
CA PRO C 183 -3.90 -1.73 -30.65
C PRO C 183 -2.42 -1.72 -30.32
N SER C 184 -2.00 -0.96 -29.31
CA SER C 184 -0.60 -0.97 -28.97
C SER C 184 -0.21 -2.29 -28.34
N LEU C 185 -1.09 -2.87 -27.53
CA LEU C 185 -0.81 -4.17 -26.97
C LEU C 185 -0.57 -5.16 -28.09
N GLN C 186 -1.41 -5.12 -29.13
CA GLN C 186 -1.24 -6.01 -30.27
C GLN C 186 0.09 -5.76 -30.99
N GLU C 187 0.45 -4.49 -31.16
CA GLU C 187 1.77 -4.16 -31.66
C GLU C 187 2.87 -4.79 -30.80
N ARG C 188 2.76 -4.66 -29.48
CA ARG C 188 3.81 -5.26 -28.62
C ARG C 188 3.90 -6.78 -28.74
N ILE C 189 2.75 -7.47 -28.85
CA ILE C 189 2.75 -8.90 -29.08
C ILE C 189 3.47 -9.25 -30.41
N GLN C 190 3.06 -8.59 -31.49
CA GLN C 190 3.60 -8.85 -32.82
C GLN C 190 5.12 -8.61 -32.88
N ALA C 191 5.60 -7.69 -32.05
CA ALA C 191 6.97 -7.22 -32.10
C ALA C 191 7.95 -8.23 -31.51
N ARG C 192 7.43 -9.18 -30.77
CA ARG C 192 8.31 -10.18 -30.17
C ARG C 192 8.69 -11.25 -31.18
N GLY C 193 9.72 -12.02 -30.86
CA GLY C 193 10.22 -13.07 -31.72
C GLY C 193 9.17 -14.12 -32.08
N ASN C 194 8.48 -14.66 -31.07
CA ASN C 194 7.32 -15.52 -31.34
C ASN C 194 6.06 -14.90 -30.78
N PRO C 195 5.27 -14.24 -31.64
CA PRO C 195 4.01 -13.63 -31.16
C PRO C 195 2.98 -14.61 -30.55
N GLU C 196 2.92 -15.86 -30.99
CA GLU C 196 2.16 -16.91 -30.26
C GLU C 196 2.55 -16.92 -28.79
N GLU C 197 3.84 -17.15 -28.54
CA GLU C 197 4.37 -17.20 -27.17
C GLU C 197 4.20 -15.93 -26.41
N ALA C 198 4.34 -14.78 -27.07
CA ALA C 198 4.20 -13.54 -26.36
C ALA C 198 2.79 -13.39 -25.77
N ARG C 199 1.78 -13.81 -26.54
CA ARG C 199 0.36 -13.70 -26.15
C ARG C 199 0.07 -14.50 -24.86
N ASN C 200 0.68 -15.67 -24.76
CA ASN C 200 0.58 -16.52 -23.56
C ASN C 200 1.34 -15.99 -22.32
N ASP C 201 2.46 -15.30 -22.50
CA ASP C 201 3.13 -14.67 -21.36
C ASP C 201 2.25 -13.60 -20.74
N PHE C 202 1.59 -12.84 -21.59
CA PHE C 202 0.70 -11.77 -21.13
C PHE C 202 -0.53 -12.37 -20.42
N LEU C 203 -1.00 -13.49 -20.94
CA LEU C 203 -2.16 -14.18 -20.35
C LEU C 203 -1.81 -14.77 -18.97
N LYS C 204 -0.55 -15.19 -18.82
CA LYS C 204 -0.07 -15.75 -17.54
C LYS C 204 -0.27 -14.74 -16.42
N ARG C 205 -0.15 -13.45 -16.72
CA ARG C 205 -0.48 -12.42 -15.77
C ARG C 205 -1.91 -12.61 -15.26
N GLN C 206 -2.78 -13.10 -16.15
CA GLN C 206 -4.21 -12.88 -15.99
C GLN C 206 -4.87 -14.21 -15.66
N LYS C 207 -5.14 -14.41 -14.37
CA LYS C 207 -5.69 -15.66 -13.93
C LYS C 207 -7.15 -15.83 -14.38
N THR C 208 -7.83 -14.77 -14.78
CA THR C 208 -9.18 -14.97 -15.34
C THR C 208 -9.15 -15.43 -16.79
N GLY C 209 -7.96 -15.52 -17.38
CA GLY C 209 -7.80 -16.11 -18.70
C GLY C 209 -8.09 -15.10 -19.81
N ARG C 210 -8.32 -13.84 -19.48
CA ARG C 210 -8.49 -12.83 -20.52
C ARG C 210 -7.84 -11.49 -20.14
N PHE C 211 -7.65 -10.65 -21.16
CA PHE C 211 -7.28 -9.27 -20.93
C PHE C 211 -8.60 -8.49 -20.70
N ALA C 212 -8.46 -7.31 -20.13
CA ALA C 212 -9.53 -6.30 -20.05
C ALA C 212 -9.78 -5.71 -21.42
N THR C 213 -11.01 -5.30 -21.66
CA THR C 213 -11.35 -4.54 -22.85
C THR C 213 -11.14 -3.05 -22.51
N ALA C 214 -10.87 -2.27 -23.54
CA ALA C 214 -10.81 -0.82 -23.37
C ALA C 214 -12.14 -0.30 -22.84
N GLU C 215 -13.27 -0.91 -23.24
CA GLU C 215 -14.55 -0.42 -22.76
C GLU C 215 -14.71 -0.55 -21.24
N GLU C 216 -14.23 -1.65 -20.68
CA GLU C 216 -14.16 -1.82 -19.22
C GLU C 216 -13.37 -0.74 -18.51
N ILE C 217 -12.17 -0.46 -19.02
CA ILE C 217 -11.40 0.67 -18.46
C ILE C 217 -12.21 1.97 -18.58
N ALA C 218 -12.89 2.16 -19.72
CA ALA C 218 -13.69 3.35 -19.90
C ALA C 218 -14.79 3.51 -18.83
N MET C 219 -15.38 2.40 -18.39
CA MET C 219 -16.53 2.49 -17.47
C MET C 219 -16.05 2.90 -16.08
N LEU C 220 -14.84 2.49 -15.74
CA LEU C 220 -14.20 3.01 -14.51
C LEU C 220 -14.00 4.51 -14.64
N CYS C 221 -13.54 4.96 -15.81
CA CYS C 221 -13.35 6.38 -16.05
C CYS C 221 -14.64 7.19 -15.94
N VAL C 222 -15.77 6.61 -16.38
CA VAL C 222 -17.07 7.23 -16.24
C VAL C 222 -17.39 7.43 -14.77
N TYR C 223 -17.28 6.35 -14.00
CA TYR C 223 -17.52 6.46 -12.55
C TYR C 223 -16.63 7.59 -11.91
N LEU C 224 -15.36 7.59 -12.23
CA LEU C 224 -14.44 8.61 -11.68
C LEU C 224 -14.67 10.07 -12.17
N ALA C 225 -15.13 10.18 -13.43
CA ALA C 225 -15.56 11.44 -13.99
C ALA C 225 -16.89 11.97 -13.45
N SER C 226 -17.76 11.12 -12.92
CA SER C 226 -19.09 11.55 -12.51
C SER C 226 -19.13 12.09 -11.11
N ASP C 227 -20.14 12.89 -10.82
CA ASP C 227 -20.31 13.35 -9.46
C ASP C 227 -20.58 12.20 -8.47
N GLU C 228 -20.96 11.01 -8.97
CA GLU C 228 -21.14 9.81 -8.07
C GLU C 228 -19.92 9.59 -7.16
N SER C 229 -18.74 9.86 -7.71
CA SER C 229 -17.42 9.64 -7.06
C SER C 229 -16.79 10.94 -6.46
N ALA C 230 -17.64 11.93 -6.14
CA ALA C 230 -17.19 13.21 -5.64
C ALA C 230 -16.30 13.06 -4.43
N TYR C 231 -16.61 12.06 -3.60
CA TYR C 231 -15.82 11.83 -2.36
C TYR C 231 -14.55 10.99 -2.54
N VAL C 232 -14.17 10.70 -3.79
CA VAL C 232 -12.99 9.91 -4.09
C VAL C 232 -11.86 10.80 -4.63
N THR C 233 -10.78 10.94 -3.84
CA THR C 233 -9.64 11.71 -4.32
C THR C 233 -8.33 11.18 -3.80
N GLY C 234 -7.30 11.33 -4.63
CA GLY C 234 -5.97 10.96 -4.33
C GLY C 234 -5.66 9.47 -4.38
N ASN C 235 -6.44 8.70 -5.12
CA ASN C 235 -6.25 7.25 -5.15
C ASN C 235 -5.77 6.74 -6.48
N PRO C 236 -4.88 5.71 -6.43
CA PRO C 236 -4.62 4.88 -7.62
C PRO C 236 -5.67 3.76 -7.62
N VAL C 237 -6.61 3.79 -8.55
CA VAL C 237 -7.67 2.79 -8.60
C VAL C 237 -7.21 1.59 -9.47
N ILE C 238 -7.17 0.43 -8.89
CA ILE C 238 -6.60 -0.74 -9.61
C ILE C 238 -7.77 -1.40 -10.38
N ILE C 239 -7.47 -1.85 -11.59
CA ILE C 239 -8.42 -2.60 -12.41
C ILE C 239 -7.58 -3.65 -13.21
N ASP C 240 -7.26 -4.75 -12.54
CA ASP C 240 -6.15 -5.65 -13.02
C ASP C 240 -6.43 -7.09 -13.05
N GLY C 241 -7.68 -7.45 -12.80
CA GLY C 241 -8.10 -8.84 -12.95
C GLY C 241 -7.32 -9.78 -12.06
N GLY C 242 -6.83 -9.26 -10.94
CA GLY C 242 -6.18 -10.08 -9.92
C GLY C 242 -4.64 -10.20 -10.09
N TRP C 243 -4.08 -9.49 -11.06
CA TRP C 243 -2.68 -9.56 -11.33
C TRP C 243 -1.90 -9.17 -10.07
N SER C 244 -2.23 -8.00 -9.48
CA SER C 244 -1.47 -7.46 -8.31
C SER C 244 -1.86 -8.13 -7.04
N LEU C 245 -2.85 -8.99 -7.11
CA LEU C 245 -3.24 -9.76 -5.98
C LEU C 245 -2.12 -10.76 -5.74
N GLY D 2 -31.44 -0.71 -16.43
CA GLY D 2 -30.60 -0.46 -15.24
C GLY D 2 -29.27 -1.14 -15.27
N ARG D 3 -28.31 -0.61 -14.52
CA ARG D 3 -26.94 -1.16 -14.54
C ARG D 3 -26.74 -2.53 -13.89
N LEU D 4 -27.75 -3.00 -13.15
CA LEU D 4 -27.72 -4.27 -12.43
C LEU D 4 -28.89 -5.22 -12.86
N ASP D 5 -29.38 -5.01 -14.07
CA ASP D 5 -30.47 -5.80 -14.58
C ASP D 5 -30.15 -7.30 -14.54
N GLY D 6 -31.07 -8.09 -14.07
CA GLY D 6 -30.84 -9.54 -13.89
C GLY D 6 -29.98 -10.00 -12.70
N LYS D 7 -29.47 -9.06 -11.89
CA LYS D 7 -28.62 -9.46 -10.77
C LYS D 7 -29.53 -9.76 -9.60
N VAL D 8 -29.22 -10.87 -8.93
CA VAL D 8 -29.81 -11.16 -7.63
C VAL D 8 -28.77 -10.80 -6.55
N ILE D 9 -29.12 -9.89 -5.67
CA ILE D 9 -28.19 -9.32 -4.70
C ILE D 9 -28.72 -9.50 -3.31
N ILE D 10 -27.93 -10.13 -2.45
CA ILE D 10 -28.29 -10.27 -1.05
C ILE D 10 -27.41 -9.36 -0.21
N LEU D 11 -28.02 -8.66 0.72
CA LEU D 11 -27.28 -7.78 1.60
C LEU D 11 -27.71 -7.81 3.04
N THR D 12 -26.78 -7.47 3.93
CA THR D 12 -27.04 -7.44 5.36
C THR D 12 -27.12 -6.01 5.89
N ALA D 13 -27.59 -5.86 7.12
CA ALA D 13 -27.60 -4.53 7.79
C ALA D 13 -28.30 -3.51 6.87
N ALA D 14 -29.40 -3.92 6.24
CA ALA D 14 -29.98 -3.14 5.16
C ALA D 14 -30.99 -2.10 5.66
N ALA D 15 -31.28 -2.08 6.95
CA ALA D 15 -32.43 -1.29 7.40
C ALA D 15 -32.15 0.23 7.49
N GLN D 16 -30.88 0.62 7.59
CA GLN D 16 -30.52 2.03 7.70
C GLN D 16 -29.11 2.23 7.26
N GLY D 17 -28.69 3.46 7.20
CA GLY D 17 -27.27 3.76 6.85
C GLY D 17 -26.89 3.30 5.44
N ILE D 18 -25.66 2.81 5.32
CA ILE D 18 -25.08 2.41 4.02
C ILE D 18 -25.86 1.25 3.42
N GLY D 19 -26.26 0.30 4.24
CA GLY D 19 -27.04 -0.83 3.76
C GLY D 19 -28.35 -0.45 3.13
N GLN D 20 -29.02 0.51 3.76
CA GLN D 20 -30.28 0.93 3.30
C GLN D 20 -30.13 1.66 1.94
N ALA D 21 -29.20 2.62 1.89
CA ALA D 21 -28.92 3.37 0.66
C ALA D 21 -28.51 2.39 -0.46
N ALA D 22 -27.70 1.38 -0.12
CA ALA D 22 -27.29 0.34 -1.10
C ALA D 22 -28.47 -0.43 -1.64
N ALA D 23 -29.31 -0.89 -0.74
CA ALA D 23 -30.48 -1.60 -1.17
C ALA D 23 -31.33 -0.83 -2.19
N LEU D 24 -31.65 0.43 -1.86
CA LEU D 24 -32.49 1.30 -2.70
C LEU D 24 -31.75 1.55 -4.04
N ALA D 25 -30.44 1.74 -3.97
CA ALA D 25 -29.65 2.00 -5.20
C ALA D 25 -29.59 0.77 -6.11
N PHE D 26 -29.42 -0.41 -5.52
CA PHE D 26 -29.43 -1.64 -6.30
C PHE D 26 -30.78 -1.86 -7.01
N ALA D 27 -31.85 -1.63 -6.26
CA ALA D 27 -33.21 -1.80 -6.78
C ALA D 27 -33.51 -0.84 -7.91
N ARG D 28 -33.09 0.43 -7.77
CA ARG D 28 -33.24 1.44 -8.83
C ARG D 28 -32.53 1.06 -10.12
N GLU D 29 -31.48 0.28 -10.01
CA GLU D 29 -30.69 -0.18 -11.17
C GLU D 29 -31.10 -1.56 -11.66
N GLY D 30 -32.26 -2.04 -11.21
CA GLY D 30 -32.84 -3.23 -11.80
C GLY D 30 -32.49 -4.54 -11.14
N ALA D 31 -31.77 -4.49 -10.03
CA ALA D 31 -31.47 -5.71 -9.30
C ALA D 31 -32.72 -6.25 -8.60
N LYS D 32 -32.71 -7.57 -8.45
CA LYS D 32 -33.61 -8.26 -7.52
C LYS D 32 -32.91 -8.28 -6.18
N VAL D 33 -33.41 -7.51 -5.23
CA VAL D 33 -32.73 -7.37 -3.93
C VAL D 33 -33.39 -8.17 -2.78
N ILE D 34 -32.55 -8.89 -2.04
CA ILE D 34 -33.00 -9.47 -0.77
C ILE D 34 -32.21 -8.77 0.32
N ALA D 35 -32.93 -7.87 0.98
CA ALA D 35 -32.43 -6.99 1.98
C ALA D 35 -32.71 -7.58 3.37
N THR D 36 -31.68 -7.67 4.19
CA THR D 36 -31.79 -8.29 5.50
C THR D 36 -31.22 -7.42 6.62
N ASP D 37 -31.75 -7.64 7.81
CA ASP D 37 -31.36 -6.88 9.00
C ASP D 37 -32.01 -7.61 10.22
N ILE D 38 -31.52 -7.31 11.43
CA ILE D 38 -32.19 -7.79 12.62
C ILE D 38 -33.36 -6.96 13.06
N ASN D 39 -33.42 -5.70 12.59
CA ASN D 39 -34.48 -4.75 12.95
C ASN D 39 -35.68 -4.87 12.03
N GLU D 40 -36.64 -5.70 12.45
CA GLU D 40 -37.71 -6.12 11.58
C GLU D 40 -38.60 -4.96 11.16
N SER D 41 -39.02 -4.12 12.08
CA SER D 41 -39.98 -3.08 11.70
C SER D 41 -39.38 -2.06 10.71
N LYS D 42 -38.13 -1.71 10.91
CA LYS D 42 -37.45 -0.74 10.06
C LYS D 42 -37.18 -1.35 8.68
N LEU D 43 -36.79 -2.61 8.71
CA LEU D 43 -36.46 -3.34 7.52
C LEU D 43 -37.66 -3.43 6.62
N GLN D 44 -38.82 -3.67 7.20
CA GLN D 44 -40.04 -3.89 6.41
C GLN D 44 -40.49 -2.68 5.57
N GLU D 45 -40.01 -1.48 5.95
CA GLU D 45 -40.21 -0.27 5.13
C GLU D 45 -39.74 -0.43 3.67
N LEU D 46 -38.67 -1.20 3.48
CA LEU D 46 -38.13 -1.37 2.11
C LEU D 46 -39.06 -2.18 1.18
N GLU D 47 -40.01 -2.91 1.78
CA GLU D 47 -40.94 -3.73 1.00
C GLU D 47 -41.74 -2.90 -0.04
N LYS D 48 -41.93 -1.60 0.24
CA LYS D 48 -42.70 -0.70 -0.66
C LYS D 48 -41.99 -0.28 -1.97
N TYR D 49 -40.72 -0.62 -2.06
CA TYR D 49 -39.86 -0.25 -3.15
C TYR D 49 -39.80 -1.43 -4.12
N PRO D 50 -40.15 -1.17 -5.38
CA PRO D 50 -40.05 -2.22 -6.38
C PRO D 50 -38.67 -2.83 -6.38
N GLY D 51 -38.63 -4.15 -6.48
CA GLY D 51 -37.42 -4.90 -6.57
C GLY D 51 -36.82 -5.35 -5.23
N ILE D 52 -37.37 -4.91 -4.08
CA ILE D 52 -36.79 -5.32 -2.78
C ILE D 52 -37.71 -6.30 -2.05
N GLN D 53 -37.19 -7.48 -1.70
CA GLN D 53 -37.85 -8.38 -0.76
C GLN D 53 -37.00 -8.40 0.50
N THR D 54 -37.64 -8.54 1.65
CA THR D 54 -36.88 -8.47 2.92
C THR D 54 -36.93 -9.79 3.69
N ARG D 55 -35.93 -9.95 4.54
CA ARG D 55 -35.87 -11.11 5.43
C ARG D 55 -35.09 -10.74 6.68
N VAL D 56 -35.65 -11.02 7.86
CA VAL D 56 -34.93 -10.78 9.12
C VAL D 56 -33.80 -11.80 9.25
N LEU D 57 -32.64 -11.30 9.62
CA LEU D 57 -31.46 -12.13 9.72
C LEU D 57 -30.44 -11.50 10.69
N ASP D 58 -30.09 -12.25 11.73
CA ASP D 58 -28.98 -11.91 12.60
C ASP D 58 -27.74 -12.59 12.07
N VAL D 59 -26.79 -11.79 11.59
CA VAL D 59 -25.59 -12.34 10.98
C VAL D 59 -24.60 -12.95 11.98
N THR D 60 -24.90 -12.90 13.26
CA THR D 60 -24.05 -13.60 14.19
C THR D 60 -24.57 -15.01 14.51
N LYS D 61 -25.68 -15.42 13.90
CA LYS D 61 -26.29 -16.71 14.20
C LYS D 61 -26.15 -17.65 13.01
N LYS D 62 -25.11 -18.49 13.05
CA LYS D 62 -24.84 -19.47 11.99
C LYS D 62 -26.10 -20.27 11.60
N LYS D 63 -26.89 -20.71 12.57
CA LYS D 63 -28.08 -21.52 12.25
C LYS D 63 -29.12 -20.78 11.39
N GLN D 64 -29.30 -19.48 11.65
CA GLN D 64 -30.15 -18.61 10.87
C GLN D 64 -29.59 -18.44 9.47
N ILE D 65 -28.28 -18.17 9.40
CA ILE D 65 -27.60 -17.98 8.13
C ILE D 65 -27.72 -19.20 7.23
N ASP D 66 -27.43 -20.39 7.80
CA ASP D 66 -27.52 -21.63 7.03
C ASP D 66 -28.95 -21.89 6.49
N GLN D 67 -29.97 -21.63 7.32
CA GLN D 67 -31.38 -21.81 6.94
C GLN D 67 -31.78 -20.81 5.83
N PHE D 68 -31.32 -19.58 5.95
CA PHE D 68 -31.50 -18.55 4.89
C PHE D 68 -30.89 -19.02 3.58
N ALA D 69 -29.62 -19.37 3.63
CA ALA D 69 -28.98 -19.90 2.47
C ALA D 69 -29.81 -21.00 1.82
N ASN D 70 -30.33 -21.93 2.61
CA ASN D 70 -31.10 -23.06 2.02
C ASN D 70 -32.37 -22.58 1.29
N GLU D 71 -32.94 -21.46 1.74
CA GLU D 71 -34.07 -20.82 1.06
C GLU D 71 -33.70 -20.21 -0.32
N VAL D 72 -32.43 -19.89 -0.54
CA VAL D 72 -31.99 -19.16 -1.72
C VAL D 72 -31.49 -20.07 -2.87
N GLU D 73 -32.15 -19.91 -4.02
CA GLU D 73 -31.96 -20.68 -5.21
C GLU D 73 -30.68 -20.28 -5.90
N ARG D 74 -30.43 -18.97 -5.96
CA ARG D 74 -29.25 -18.48 -6.64
C ARG D 74 -28.98 -17.10 -6.16
N LEU D 75 -27.57 -16.72 -6.22
CA LEU D 75 -27.35 -15.28 -6.17
C LEU D 75 -26.25 -14.86 -7.14
N ASP D 76 -26.15 -13.60 -7.45
CA ASP D 76 -24.97 -13.02 -8.15
C ASP D 76 -24.01 -12.28 -7.25
N VAL D 77 -24.54 -11.58 -6.26
CA VAL D 77 -23.77 -10.72 -5.39
C VAL D 77 -24.13 -10.92 -3.92
N LEU D 78 -23.10 -10.97 -3.08
CA LEU D 78 -23.31 -10.88 -1.62
C LEU D 78 -22.59 -9.65 -1.08
N PHE D 79 -23.37 -8.79 -0.42
CA PHE D 79 -22.84 -7.59 0.15
C PHE D 79 -22.91 -7.67 1.68
N ASN D 80 -21.75 -7.92 2.28
CA ASN D 80 -21.60 -7.97 3.76
C ASN D 80 -21.42 -6.57 4.33
N VAL D 81 -22.47 -6.06 4.95
CA VAL D 81 -22.47 -4.66 5.43
C VAL D 81 -22.33 -4.55 6.96
N ALA D 82 -22.89 -5.51 7.69
CA ALA D 82 -22.98 -5.45 9.16
C ALA D 82 -21.64 -5.19 9.81
N GLY D 83 -21.68 -4.24 10.75
CA GLY D 83 -20.51 -3.90 11.52
C GLY D 83 -20.83 -2.86 12.60
N PHE D 84 -20.17 -2.94 13.75
CA PHE D 84 -20.35 -2.02 14.87
C PHE D 84 -19.03 -1.26 15.07
N VAL D 85 -19.13 0.02 15.42
CA VAL D 85 -17.97 0.87 15.66
C VAL D 85 -17.80 1.15 17.15
N HIS D 86 -16.88 0.41 17.76
CA HIS D 86 -16.53 0.63 19.15
C HIS D 86 -15.66 1.85 19.34
N HIS D 87 -15.95 2.67 20.38
CA HIS D 87 -15.10 3.82 20.67
C HIS D 87 -14.13 3.46 21.80
N GLY D 88 -12.84 3.55 21.51
CA GLY D 88 -11.79 3.40 22.53
C GLY D 88 -10.45 2.89 21.99
N THR D 89 -9.41 3.07 22.80
CA THR D 89 -8.12 2.50 22.53
C THR D 89 -8.13 1.02 22.96
N VAL D 90 -7.02 0.32 22.71
CA VAL D 90 -6.84 -1.03 23.21
C VAL D 90 -7.10 -1.08 24.72
N LEU D 91 -6.75 -0.03 25.45
CA LEU D 91 -6.92 0.00 26.92
C LEU D 91 -8.38 0.19 27.37
N ASP D 92 -9.16 0.81 26.51
CA ASP D 92 -10.60 1.01 26.73
C ASP D 92 -11.44 -0.21 26.31
N CYS D 93 -10.82 -1.24 25.76
N CYS D 93 -10.79 -1.21 25.69
CA CYS D 93 -11.54 -2.35 25.19
CA CYS D 93 -11.46 -2.42 25.24
C CYS D 93 -11.48 -3.56 26.11
C CYS D 93 -11.43 -3.48 26.29
N GLU D 94 -12.61 -3.87 26.78
CA GLU D 94 -12.72 -5.01 27.65
C GLU D 94 -13.00 -6.25 26.82
N GLU D 95 -12.88 -7.43 27.43
CA GLU D 95 -13.02 -8.69 26.68
C GLU D 95 -14.38 -8.71 25.96
N LYS D 96 -15.42 -8.22 26.64
CA LYS D 96 -16.74 -8.15 26.04
C LYS D 96 -16.80 -7.29 24.78
N ASP D 97 -16.10 -6.16 24.75
CA ASP D 97 -16.08 -5.27 23.57
C ASP D 97 -15.31 -5.91 22.43
N TRP D 98 -14.20 -6.55 22.78
CA TRP D 98 -13.35 -7.22 21.79
C TRP D 98 -14.12 -8.33 21.10
N ASP D 99 -14.69 -9.22 21.89
CA ASP D 99 -15.43 -10.32 21.34
C ASP D 99 -16.70 -9.95 20.59
N PHE D 100 -17.44 -8.95 21.09
CA PHE D 100 -18.64 -8.47 20.40
C PHE D 100 -18.31 -7.96 19.02
N SER D 101 -17.25 -7.14 18.93
CA SER D 101 -16.83 -6.61 17.64
C SER D 101 -16.28 -7.66 16.66
N MET D 102 -15.48 -8.57 17.16
CA MET D 102 -14.91 -9.61 16.31
C MET D 102 -16.05 -10.47 15.70
N ASN D 103 -17.04 -10.80 16.51
N ASN D 103 -17.01 -10.83 16.54
CA ASN D 103 -18.13 -11.67 16.05
CA ASN D 103 -18.19 -11.62 16.15
C ASN D 103 -19.08 -11.00 15.06
C ASN D 103 -18.96 -10.93 15.04
N LEU D 104 -19.54 -9.79 15.35
CA LEU D 104 -20.37 -9.07 14.40
C LEU D 104 -19.59 -8.62 13.14
N ASN D 105 -18.32 -8.19 13.30
CA ASN D 105 -17.69 -7.47 12.20
C ASN D 105 -16.96 -8.41 11.27
N VAL D 106 -16.55 -9.56 11.82
CA VAL D 106 -15.66 -10.47 11.05
C VAL D 106 -16.20 -11.90 10.92
N ARG D 107 -16.63 -12.47 12.04
CA ARG D 107 -17.06 -13.80 12.06
C ARG D 107 -18.29 -13.85 11.19
N SER D 108 -19.10 -12.79 11.24
CA SER D 108 -20.29 -12.69 10.41
C SER D 108 -20.00 -12.91 8.91
N MET D 109 -18.95 -12.27 8.43
CA MET D 109 -18.60 -12.33 7.01
C MET D 109 -18.18 -13.77 6.60
N TYR D 110 -17.36 -14.36 7.47
CA TYR D 110 -16.95 -15.75 7.33
C TYR D 110 -18.18 -16.66 7.23
N LEU D 111 -19.13 -16.54 8.15
CA LEU D 111 -20.34 -17.39 8.07
C LEU D 111 -21.19 -17.15 6.81
N MET D 112 -21.38 -15.89 6.36
CA MET D 112 -22.23 -15.58 5.20
C MET D 112 -21.55 -16.12 3.94
N ILE D 113 -20.22 -15.92 3.89
CA ILE D 113 -19.43 -16.35 2.74
C ILE D 113 -19.43 -17.84 2.62
N LYS D 114 -19.18 -18.53 3.73
CA LYS D 114 -19.11 -19.97 3.71
C LYS D 114 -20.51 -20.55 3.37
N ALA D 115 -21.62 -19.89 3.80
CA ALA D 115 -22.92 -20.39 3.45
C ALA D 115 -23.31 -20.12 1.99
N PHE D 116 -22.90 -18.98 1.41
CA PHE D 116 -23.37 -18.57 0.07
C PHE D 116 -22.38 -18.86 -1.06
N LEU D 117 -21.09 -18.75 -0.80
CA LEU D 117 -20.10 -19.07 -1.86
C LEU D 117 -20.30 -20.40 -2.65
N PRO D 118 -20.62 -21.55 -1.98
CA PRO D 118 -20.86 -22.77 -2.75
C PRO D 118 -21.91 -22.60 -3.85
N LYS D 119 -22.96 -21.80 -3.63
CA LYS D 119 -23.92 -21.42 -4.70
C LYS D 119 -23.23 -20.76 -5.90
N MET D 120 -22.32 -19.81 -5.59
CA MET D 120 -21.65 -19.08 -6.61
C MET D 120 -20.67 -20.01 -7.33
N LEU D 121 -19.98 -20.85 -6.59
CA LEU D 121 -19.10 -21.83 -7.25
C LEU D 121 -19.85 -22.76 -8.22
N ALA D 122 -21.01 -23.23 -7.83
CA ALA D 122 -21.80 -24.07 -8.73
C ALA D 122 -22.34 -23.37 -10.00
N GLN D 123 -22.46 -22.06 -9.98
CA GLN D 123 -22.81 -21.27 -11.17
C GLN D 123 -21.53 -20.87 -11.91
N LYS D 124 -20.35 -21.12 -11.34
CA LYS D 124 -19.08 -20.57 -11.83
C LYS D 124 -19.12 -19.03 -12.01
N SER D 125 -19.77 -18.36 -11.09
CA SER D 125 -19.90 -16.92 -11.19
C SER D 125 -20.40 -16.37 -9.84
N GLY D 126 -19.73 -15.33 -9.36
CA GLY D 126 -20.17 -14.70 -8.11
C GLY D 126 -19.37 -13.46 -7.80
N ASN D 127 -19.91 -12.61 -6.95
CA ASN D 127 -19.27 -11.35 -6.60
C ASN D 127 -19.57 -11.05 -5.11
N ILE D 128 -18.53 -10.94 -4.31
CA ILE D 128 -18.64 -10.71 -2.85
C ILE D 128 -18.02 -9.33 -2.54
N ILE D 129 -18.84 -8.45 -2.02
CA ILE D 129 -18.39 -7.13 -1.57
C ILE D 129 -18.49 -7.03 -0.06
N ASN D 130 -17.40 -6.66 0.58
CA ASN D 130 -17.31 -6.56 2.01
C ASN D 130 -17.07 -5.10 2.47
N MET D 131 -17.77 -4.67 3.51
CA MET D 131 -17.60 -3.31 4.04
C MET D 131 -16.41 -3.28 4.99
N SER D 132 -15.37 -2.56 4.58
CA SER D 132 -14.18 -2.30 5.40
C SER D 132 -14.22 -0.79 5.86
N SER D 133 -13.07 -0.15 6.08
CA SER D 133 -12.96 1.25 6.48
C SER D 133 -11.48 1.63 6.23
N VAL D 134 -11.22 2.94 6.12
CA VAL D 134 -9.82 3.41 6.15
C VAL D 134 -9.16 3.18 7.54
N ALA D 135 -9.98 3.09 8.60
CA ALA D 135 -9.52 2.71 9.95
C ALA D 135 -9.40 1.15 9.96
N SER D 136 -8.18 0.68 9.74
CA SER D 136 -7.95 -0.69 9.31
C SER D 136 -6.45 -0.78 9.05
N SER D 137 -6.02 -1.69 8.15
CA SER D 137 -4.62 -1.76 7.79
C SER D 137 -4.26 -0.55 6.87
N VAL D 138 -5.29 0.15 6.35
CA VAL D 138 -5.02 1.26 5.46
C VAL D 138 -4.28 2.36 6.24
N LYS D 139 -4.86 2.84 7.34
CA LYS D 139 -4.18 3.81 8.17
C LYS D 139 -4.58 3.66 9.63
N GLY D 140 -3.79 4.28 10.50
CA GLY D 140 -4.07 4.21 11.92
C GLY D 140 -4.99 5.39 12.21
N VAL D 141 -6.04 5.12 12.98
CA VAL D 141 -7.03 6.11 13.38
C VAL D 141 -7.17 6.06 14.93
N VAL D 142 -7.25 7.20 15.60
CA VAL D 142 -7.34 7.20 17.08
C VAL D 142 -8.69 6.69 17.63
N ASN D 143 -8.66 6.04 18.81
CA ASN D 143 -9.89 5.61 19.50
C ASN D 143 -10.77 4.61 18.73
N ARG D 144 -10.12 3.80 17.88
CA ARG D 144 -10.78 2.84 17.06
C ARG D 144 -10.03 1.47 17.06
N CYS D 145 -9.57 1.04 18.20
CA CYS D 145 -8.76 -0.17 18.28
C CYS D 145 -9.38 -1.45 17.78
N VAL D 146 -10.42 -1.92 18.42
CA VAL D 146 -11.04 -3.17 17.93
C VAL D 146 -11.69 -3.01 16.55
N TYR D 147 -12.27 -1.84 16.30
CA TYR D 147 -12.82 -1.53 15.01
C TYR D 147 -11.80 -1.66 13.93
N SER D 148 -10.65 -1.00 14.07
CA SER D 148 -9.59 -1.03 13.07
C SER D 148 -9.03 -2.46 12.87
N THR D 149 -8.91 -3.22 13.97
CA THR D 149 -8.49 -4.62 13.97
C THR D 149 -9.45 -5.44 13.10
N THR D 150 -10.76 -5.26 13.31
CA THR D 150 -11.73 -6.02 12.53
C THR D 150 -11.80 -5.62 11.06
N LYS D 151 -11.68 -4.31 10.79
CA LYS D 151 -11.79 -3.86 9.40
C LYS D 151 -10.57 -4.23 8.61
N ALA D 152 -9.38 -4.30 9.27
CA ALA D 152 -8.18 -4.93 8.66
C ALA D 152 -8.46 -6.39 8.32
N ALA D 153 -9.03 -7.09 9.26
CA ALA D 153 -9.36 -8.54 9.10
C ALA D 153 -10.25 -8.70 7.88
N VAL D 154 -11.18 -7.76 7.70
CA VAL D 154 -12.01 -7.79 6.52
C VAL D 154 -11.19 -7.73 5.22
N ILE D 155 -10.16 -6.90 5.16
CA ILE D 155 -9.33 -6.83 3.94
C ILE D 155 -8.60 -8.17 3.69
N GLY D 156 -8.11 -8.76 4.78
CA GLY D 156 -7.43 -10.05 4.71
C GLY D 156 -8.34 -11.09 4.11
N LEU D 157 -9.55 -11.10 4.62
CA LEU D 157 -10.54 -12.11 4.24
C LEU D 157 -10.92 -11.94 2.78
N THR D 158 -11.15 -10.68 2.41
CA THR D 158 -11.40 -10.30 0.98
C THR D 158 -10.35 -10.81 0.01
N LYS D 159 -9.09 -10.55 0.33
CA LYS D 159 -8.01 -10.93 -0.58
C LYS D 159 -7.81 -12.47 -0.63
N SER D 160 -8.07 -13.10 0.50
CA SER D 160 -8.11 -14.56 0.60
C SER D 160 -9.12 -15.22 -0.38
N VAL D 161 -10.35 -14.78 -0.27
CA VAL D 161 -11.44 -15.27 -1.08
C VAL D 161 -11.17 -14.97 -2.56
N ALA D 162 -10.67 -13.78 -2.84
CA ALA D 162 -10.37 -13.42 -4.22
C ALA D 162 -9.30 -14.36 -4.82
N ALA D 163 -8.25 -14.65 -4.03
CA ALA D 163 -7.14 -15.47 -4.49
C ALA D 163 -7.58 -16.90 -4.64
N ASP D 164 -8.40 -17.36 -3.69
CA ASP D 164 -8.78 -18.79 -3.67
C ASP D 164 -9.74 -19.19 -4.83
N PHE D 165 -10.53 -18.23 -5.25
CA PHE D 165 -11.65 -18.59 -6.17
C PHE D 165 -11.75 -17.83 -7.50
N ILE D 166 -10.68 -17.14 -7.81
CA ILE D 166 -10.53 -16.47 -9.07
C ILE D 166 -10.70 -17.37 -10.28
N GLN D 167 -10.25 -18.61 -10.24
CA GLN D 167 -10.33 -19.45 -11.42
C GLN D 167 -11.70 -20.04 -11.54
N GLN D 168 -12.56 -19.85 -10.53
CA GLN D 168 -13.94 -20.39 -10.58
C GLN D 168 -14.96 -19.24 -10.72
N GLY D 169 -14.50 -18.09 -11.24
CA GLY D 169 -15.34 -17.01 -11.66
C GLY D 169 -15.83 -16.11 -10.52
N ILE D 170 -15.17 -16.19 -9.38
CA ILE D 170 -15.52 -15.37 -8.24
C ILE D 170 -14.66 -14.12 -8.12
N ARG D 171 -15.29 -12.99 -7.86
CA ARG D 171 -14.55 -11.80 -7.48
C ARG D 171 -14.92 -11.39 -6.10
N CYS D 172 -13.98 -10.70 -5.44
CA CYS D 172 -14.17 -10.24 -4.05
C CYS D 172 -13.39 -8.97 -3.84
N ASN D 173 -14.08 -7.93 -3.41
CA ASN D 173 -13.48 -6.62 -3.10
C ASN D 173 -14.03 -6.06 -1.82
N CYS D 174 -13.34 -5.10 -1.22
CA CYS D 174 -13.99 -4.42 -0.07
C CYS D 174 -13.98 -2.94 -0.26
N VAL D 175 -14.85 -2.29 0.48
CA VAL D 175 -15.06 -0.87 0.40
C VAL D 175 -14.55 -0.21 1.67
N CYS D 176 -13.76 0.85 1.49
CA CYS D 176 -13.06 1.52 2.63
C CYS D 176 -13.40 3.02 2.71
N PRO D 177 -14.52 3.35 3.36
CA PRO D 177 -14.94 4.71 3.56
C PRO D 177 -14.15 5.46 4.60
N GLY D 178 -14.20 6.79 4.46
CA GLY D 178 -13.91 7.71 5.50
C GLY D 178 -15.17 7.91 6.37
N THR D 179 -15.48 9.11 6.75
CA THR D 179 -16.67 9.37 7.57
C THR D 179 -17.90 9.43 6.68
N VAL D 180 -18.92 8.64 7.02
CA VAL D 180 -20.20 8.68 6.31
C VAL D 180 -21.33 9.09 7.30
N ASP D 181 -22.18 10.01 6.86
CA ASP D 181 -23.26 10.57 7.68
C ASP D 181 -24.39 9.53 7.76
N THR D 182 -24.35 8.70 8.79
CA THR D 182 -25.30 7.64 9.02
C THR D 182 -25.92 7.79 10.43
N PRO D 183 -26.99 7.01 10.74
CA PRO D 183 -27.59 7.18 12.06
C PRO D 183 -26.67 6.78 13.18
N SER D 184 -25.81 5.79 12.94
CA SER D 184 -24.88 5.36 13.99
C SER D 184 -23.79 6.40 14.17
N LEU D 185 -23.40 7.11 13.12
CA LEU D 185 -22.42 8.21 13.28
C LEU D 185 -23.00 9.30 14.18
N GLN D 186 -24.24 9.65 13.92
CA GLN D 186 -24.94 10.59 14.79
C GLN D 186 -25.01 10.09 16.22
N GLU D 187 -25.24 8.81 16.41
CA GLU D 187 -25.26 8.25 17.75
C GLU D 187 -23.86 8.44 18.37
N ARG D 188 -22.80 8.08 17.65
CA ARG D 188 -21.42 8.31 18.19
C ARG D 188 -21.15 9.78 18.56
N ILE D 189 -21.54 10.71 17.68
CA ILE D 189 -21.45 12.14 18.03
C ILE D 189 -22.20 12.50 19.33
N GLN D 190 -23.45 12.07 19.44
CA GLN D 190 -24.26 12.45 20.60
C GLN D 190 -23.70 11.82 21.91
N ALA D 191 -23.04 10.67 21.76
CA ALA D 191 -22.56 9.89 22.88
C ALA D 191 -21.39 10.57 23.56
N ARG D 192 -20.69 11.44 22.85
CA ARG D 192 -19.59 12.21 23.48
C ARG D 192 -20.04 13.24 24.53
N GLY D 193 -19.09 13.64 25.38
CA GLY D 193 -19.32 14.65 26.37
C GLY D 193 -19.78 15.99 25.80
N ASN D 194 -19.10 16.49 24.77
CA ASN D 194 -19.63 17.66 24.05
C ASN D 194 -19.86 17.30 22.59
N PRO D 195 -21.11 16.97 22.23
CA PRO D 195 -21.41 16.58 20.83
C PRO D 195 -21.14 17.68 19.79
N GLU D 196 -21.38 18.94 20.18
CA GLU D 196 -21.02 20.10 19.34
C GLU D 196 -19.55 19.97 18.95
N GLU D 197 -18.69 19.80 19.95
CA GLU D 197 -17.26 19.66 19.69
C GLU D 197 -16.86 18.34 19.05
N ALA D 198 -17.61 17.27 19.31
CA ALA D 198 -17.33 15.99 18.68
C ALA D 198 -17.53 16.05 17.15
N ARG D 199 -18.57 16.75 16.72
CA ARG D 199 -18.88 16.91 15.27
C ARG D 199 -17.68 17.57 14.51
N ASN D 200 -17.08 18.54 15.16
CA ASN D 200 -15.86 19.20 14.62
C ASN D 200 -14.58 18.31 14.57
N ASP D 201 -14.36 17.43 15.53
CA ASP D 201 -13.23 16.49 15.40
C ASP D 201 -13.40 15.61 14.20
N PHE D 202 -14.61 15.12 13.98
CA PHE D 202 -14.86 14.22 12.85
C PHE D 202 -14.66 14.98 11.55
N LEU D 203 -15.03 16.27 11.57
CA LEU D 203 -14.93 17.09 10.38
C LEU D 203 -13.46 17.36 10.05
N LYS D 204 -12.63 17.44 11.10
CA LYS D 204 -11.21 17.76 10.90
C LYS D 204 -10.57 16.69 10.04
N ARG D 205 -11.08 15.47 10.13
CA ARG D 205 -10.64 14.41 9.25
C ARG D 205 -10.75 14.89 7.81
N GLN D 206 -11.76 15.72 7.56
CA GLN D 206 -12.32 15.80 6.23
C GLN D 206 -12.05 17.19 5.65
N LYS D 207 -11.03 17.22 4.80
CA LYS D 207 -10.58 18.47 4.22
C LYS D 207 -11.59 19.08 3.26
N THR D 208 -12.53 18.30 2.72
CA THR D 208 -13.56 18.93 1.90
C THR D 208 -14.69 19.56 2.73
N GLY D 209 -14.60 19.43 4.06
CA GLY D 209 -15.51 20.11 4.97
C GLY D 209 -16.88 19.45 5.05
N ARG D 210 -17.01 18.21 4.60
CA ARG D 210 -18.24 17.46 4.73
C ARG D 210 -17.95 15.95 4.92
N PHE D 211 -18.97 15.25 5.42
CA PHE D 211 -18.93 13.80 5.47
C PHE D 211 -19.48 13.32 4.11
N ALA D 212 -19.19 12.06 3.79
CA ALA D 212 -19.86 11.41 2.63
C ALA D 212 -21.31 11.14 3.01
N THR D 213 -22.17 11.07 2.02
CA THR D 213 -23.52 10.53 2.21
C THR D 213 -23.51 9.03 2.01
N ALA D 214 -24.48 8.39 2.61
CA ALA D 214 -24.67 6.95 2.38
C ALA D 214 -24.96 6.69 0.90
N GLU D 215 -25.67 7.61 0.25
CA GLU D 215 -25.97 7.47 -1.21
CA GLU D 215 -25.98 7.47 -1.16
C GLU D 215 -24.69 7.34 -2.01
N GLU D 216 -23.66 8.12 -1.64
CA GLU D 216 -22.39 8.13 -2.34
C GLU D 216 -21.69 6.81 -2.20
N ILE D 217 -21.62 6.32 -0.96
CA ILE D 217 -21.14 4.96 -0.77
C ILE D 217 -21.95 3.94 -1.60
N ALA D 218 -23.27 4.06 -1.61
CA ALA D 218 -24.08 3.17 -2.41
C ALA D 218 -23.66 3.14 -3.90
N MET D 219 -23.30 4.28 -4.48
CA MET D 219 -22.98 4.34 -5.91
C MET D 219 -21.68 3.65 -6.21
N LEU D 220 -20.73 3.65 -5.27
CA LEU D 220 -19.54 2.81 -5.43
C LEU D 220 -19.95 1.33 -5.45
N CYS D 221 -20.79 0.94 -4.50
CA CYS D 221 -21.31 -0.41 -4.45
C CYS D 221 -22.05 -0.84 -5.75
N VAL D 222 -22.76 0.07 -6.38
CA VAL D 222 -23.46 -0.21 -7.66
C VAL D 222 -22.39 -0.52 -8.70
N TYR D 223 -21.35 0.32 -8.78
CA TYR D 223 -20.24 0.07 -9.76
C TYR D 223 -19.60 -1.33 -9.53
N LEU D 224 -19.28 -1.63 -8.26
CA LEU D 224 -18.64 -2.91 -7.88
C LEU D 224 -19.55 -4.17 -8.05
N ALA D 225 -20.86 -3.98 -7.86
CA ALA D 225 -21.89 -4.99 -8.10
C ALA D 225 -22.16 -5.26 -9.60
N SER D 226 -21.85 -4.30 -10.46
CA SER D 226 -22.20 -4.39 -11.87
C SER D 226 -21.13 -5.14 -12.64
N ASP D 227 -21.54 -5.67 -13.78
CA ASP D 227 -20.58 -6.25 -14.70
C ASP D 227 -19.58 -5.26 -15.30
N GLU D 228 -19.86 -3.96 -15.19
CA GLU D 228 -18.91 -2.90 -15.58
C GLU D 228 -17.51 -3.09 -14.97
N SER D 229 -17.52 -3.64 -13.77
CA SER D 229 -16.33 -3.79 -12.94
C SER D 229 -15.85 -5.27 -12.83
N ALA D 230 -16.22 -6.09 -13.82
CA ALA D 230 -15.87 -7.50 -13.87
C ALA D 230 -14.38 -7.74 -13.70
N TYR D 231 -13.56 -6.84 -14.22
CA TYR D 231 -12.08 -6.99 -14.15
C TYR D 231 -11.48 -6.51 -12.83
N VAL D 232 -12.31 -6.13 -11.84
CA VAL D 232 -11.84 -5.63 -10.56
C VAL D 232 -12.03 -6.70 -9.48
N THR D 233 -10.92 -7.22 -8.94
CA THR D 233 -10.99 -8.17 -7.85
C THR D 233 -9.78 -8.04 -6.92
N GLY D 234 -10.00 -8.30 -5.63
CA GLY D 234 -8.98 -8.32 -4.64
C GLY D 234 -8.57 -6.96 -4.10
N ASN D 235 -9.42 -5.95 -4.26
CA ASN D 235 -9.04 -4.58 -3.92
C ASN D 235 -9.85 -4.03 -2.77
N PRO D 236 -9.14 -3.32 -1.88
CA PRO D 236 -9.82 -2.43 -0.93
C PRO D 236 -9.98 -1.09 -1.63
N VAL D 237 -11.21 -0.77 -2.01
CA VAL D 237 -11.53 0.50 -2.72
C VAL D 237 -11.79 1.68 -1.78
N ILE D 238 -10.96 2.69 -1.86
CA ILE D 238 -11.02 3.79 -0.87
C ILE D 238 -12.04 4.83 -1.34
N ILE D 239 -12.83 5.35 -0.40
CA ILE D 239 -13.73 6.42 -0.69
C ILE D 239 -13.79 7.35 0.55
N ASP D 240 -12.75 8.20 0.68
CA ASP D 240 -12.45 8.85 1.99
C ASP D 240 -12.28 10.33 1.99
N GLY D 241 -12.55 10.98 0.85
CA GLY D 241 -12.57 12.42 0.84
C GLY D 241 -11.20 13.01 1.15
N GLY D 242 -10.16 12.25 0.85
CA GLY D 242 -8.77 12.66 1.01
C GLY D 242 -8.23 12.43 2.42
N TRP D 243 -8.96 11.70 3.28
CA TRP D 243 -8.53 11.44 4.66
C TRP D 243 -7.19 10.70 4.72
N SER D 244 -7.10 9.55 4.01
CA SER D 244 -5.85 8.74 3.94
C SER D 244 -4.81 9.33 3.06
N LEU D 245 -5.07 10.50 2.49
CA LEU D 245 -4.19 11.02 1.46
C LEU D 245 -2.81 11.43 1.94
#